data_1H6J
# 
_entry.id   1H6J 
# 
_audit_conform.dict_name       mmcif_pdbx.dic 
_audit_conform.dict_version    5.391 
_audit_conform.dict_location   http://mmcif.pdb.org/dictionaries/ascii/mmcif_pdbx.dic 
# 
loop_
_database_2.database_id 
_database_2.database_code 
_database_2.pdbx_database_accession 
_database_2.pdbx_DOI 
PDB   1H6J         pdb_00001h6j 10.2210/pdb1h6j/pdb 
PDBE  EBI-8186     ?            ?                   
WWPDB D_1290008186 ?            ?                   
# 
loop_
_pdbx_audit_revision_history.ordinal 
_pdbx_audit_revision_history.data_content_type 
_pdbx_audit_revision_history.major_revision 
_pdbx_audit_revision_history.minor_revision 
_pdbx_audit_revision_history.revision_date 
1 'Structure model' 1 0 2001-07-12 
2 'Structure model' 1 1 2024-05-08 
# 
_pdbx_audit_revision_details.ordinal             1 
_pdbx_audit_revision_details.revision_ordinal    1 
_pdbx_audit_revision_details.data_content_type   'Structure model' 
_pdbx_audit_revision_details.provider            repository 
_pdbx_audit_revision_details.type                'Initial release' 
_pdbx_audit_revision_details.description         ? 
_pdbx_audit_revision_details.details             ? 
# 
loop_
_pdbx_audit_revision_group.ordinal 
_pdbx_audit_revision_group.revision_ordinal 
_pdbx_audit_revision_group.data_content_type 
_pdbx_audit_revision_group.group 
1 2 'Structure model' 'Data collection'     
2 2 'Structure model' 'Database references' 
# 
loop_
_pdbx_audit_revision_category.ordinal 
_pdbx_audit_revision_category.revision_ordinal 
_pdbx_audit_revision_category.data_content_type 
_pdbx_audit_revision_category.category 
1 2 'Structure model' chem_comp_atom 
2 2 'Structure model' chem_comp_bond 
3 2 'Structure model' database_2     
# 
loop_
_pdbx_audit_revision_item.ordinal 
_pdbx_audit_revision_item.revision_ordinal 
_pdbx_audit_revision_item.data_content_type 
_pdbx_audit_revision_item.item 
1 2 'Structure model' '_database_2.pdbx_DOI'                
2 2 'Structure model' '_database_2.pdbx_database_accession' 
# 
_pdbx_database_status.status_code                     REL 
_pdbx_database_status.entry_id                        1H6J 
_pdbx_database_status.deposit_site                    PDBE 
_pdbx_database_status.process_site                    PDBE 
_pdbx_database_status.SG_entry                        . 
_pdbx_database_status.recvd_initial_deposition_date   2001-06-17 
_pdbx_database_status.pdb_format_compatible           Y 
_pdbx_database_status.status_code_sf                  ? 
_pdbx_database_status.status_code_mr                  ? 
_pdbx_database_status.status_code_cs                  ? 
_pdbx_database_status.methods_development_category    ? 
_pdbx_database_status.status_code_nmr_data            ? 
# 
loop_
_audit_author.name 
_audit_author.pdbx_ordinal 
'Jelakovic, S.' 1 
'Jann, K.'      2 
'Schulz, G.E.'  3 
# 
_citation.id                        primary 
_citation.title                     
'The Three-Dimensional Structure of Capsule-Specific Cmp:2-Keto-3-Deoxy-Manno-Octonic Acid Synthetase from Escherichia Coli' 
_citation.journal_abbrev            'FEBS Lett.' 
_citation.journal_volume            391 
_citation.page_first                157 
_citation.page_last                 ? 
_citation.year                      1996 
_citation.journal_id_ASTM           FEBLAL 
_citation.country                   NE 
_citation.journal_id_ISSN           0014-5793 
_citation.journal_id_CSD            0165 
_citation.book_publisher            ? 
_citation.pdbx_database_id_PubMed   8706906 
_citation.pdbx_database_id_DOI      '10.1016/0014-5793(96)00724-7' 
# 
loop_
_citation_author.citation_id 
_citation_author.name 
_citation_author.ordinal 
_citation_author.identifier_ORCID 
primary 'Jelakovic, S.' 1 ? 
primary 'Jann, K.'      2 ? 
primary 'Schulz, G.E.'  3 ? 
# 
_entity.id                         1 
_entity.type                       polymer 
_entity.src_method                 man 
_entity.pdbx_description           '3-DEOXY-MANNO-OCTULOSONATE CYTIDYLYLTRANSFERASE' 
_entity.formula_weight             27059.912 
_entity.pdbx_number_of_molecules   2 
_entity.pdbx_ec                    2.7.7.38 
_entity.pdbx_mutation              ? 
_entity.pdbx_fragment              ? 
_entity.details                    ? 
# 
_entity_name_com.entity_id   1 
_entity_name_com.name        
'CMP-KDO SYNTHETASE, CKS, CMP-2-KETO-3-DEOXYOCTULOSONIC ACID SYNTHETASE, CMP-2-KETO-3-DEOXY-MANNO -OCTONIC ACID SYNTHETASE' 
# 
_entity_poly.entity_id                      1 
_entity_poly.type                           'polypeptide(L)' 
_entity_poly.nstd_linkage                   no 
_entity_poly.nstd_monomer                   no 
_entity_poly.pdbx_seq_one_letter_code       
;SKAVIVIPARYGSSRLPGKPLLDIVGKPMIQHVYERALQVAGVAEVWVATDDPRVEQAVQAFGGKAIMTRNDHESGTDRL
VEVMHKVEADIYINLQGDEPMIRPRDVETLLQGMRDDPALPVATLCHAISAAEAAEPSTVKVVVNTRQDALYFSRSPIPY
PRNAEKARYLKHVGIYAYRRDVLQNYSQLPESMPEQAESLEQLRLMNAGINIRTFEVAATGPGVDTPACLEKVRALMAQE
LAENA
;
_entity_poly.pdbx_seq_one_letter_code_can   
;SKAVIVIPARYGSSRLPGKPLLDIVGKPMIQHVYERALQVAGVAEVWVATDDPRVEQAVQAFGGKAIMTRNDHESGTDRL
VEVMHKVEADIYINLQGDEPMIRPRDVETLLQGMRDDPALPVATLCHAISAAEAAEPSTVKVVVNTRQDALYFSRSPIPY
PRNAEKARYLKHVGIYAYRRDVLQNYSQLPESMPEQAESLEQLRLMNAGINIRTFEVAATGPGVDTPACLEKVRALMAQE
LAENA
;
_entity_poly.pdbx_strand_id                 A,B 
_entity_poly.pdbx_target_identifier         ? 
# 
loop_
_entity_poly_seq.entity_id 
_entity_poly_seq.num 
_entity_poly_seq.mon_id 
_entity_poly_seq.hetero 
1 1   SER n 
1 2   LYS n 
1 3   ALA n 
1 4   VAL n 
1 5   ILE n 
1 6   VAL n 
1 7   ILE n 
1 8   PRO n 
1 9   ALA n 
1 10  ARG n 
1 11  TYR n 
1 12  GLY n 
1 13  SER n 
1 14  SER n 
1 15  ARG n 
1 16  LEU n 
1 17  PRO n 
1 18  GLY n 
1 19  LYS n 
1 20  PRO n 
1 21  LEU n 
1 22  LEU n 
1 23  ASP n 
1 24  ILE n 
1 25  VAL n 
1 26  GLY n 
1 27  LYS n 
1 28  PRO n 
1 29  MET n 
1 30  ILE n 
1 31  GLN n 
1 32  HIS n 
1 33  VAL n 
1 34  TYR n 
1 35  GLU n 
1 36  ARG n 
1 37  ALA n 
1 38  LEU n 
1 39  GLN n 
1 40  VAL n 
1 41  ALA n 
1 42  GLY n 
1 43  VAL n 
1 44  ALA n 
1 45  GLU n 
1 46  VAL n 
1 47  TRP n 
1 48  VAL n 
1 49  ALA n 
1 50  THR n 
1 51  ASP n 
1 52  ASP n 
1 53  PRO n 
1 54  ARG n 
1 55  VAL n 
1 56  GLU n 
1 57  GLN n 
1 58  ALA n 
1 59  VAL n 
1 60  GLN n 
1 61  ALA n 
1 62  PHE n 
1 63  GLY n 
1 64  GLY n 
1 65  LYS n 
1 66  ALA n 
1 67  ILE n 
1 68  MET n 
1 69  THR n 
1 70  ARG n 
1 71  ASN n 
1 72  ASP n 
1 73  HIS n 
1 74  GLU n 
1 75  SER n 
1 76  GLY n 
1 77  THR n 
1 78  ASP n 
1 79  ARG n 
1 80  LEU n 
1 81  VAL n 
1 82  GLU n 
1 83  VAL n 
1 84  MET n 
1 85  HIS n 
1 86  LYS n 
1 87  VAL n 
1 88  GLU n 
1 89  ALA n 
1 90  ASP n 
1 91  ILE n 
1 92  TYR n 
1 93  ILE n 
1 94  ASN n 
1 95  LEU n 
1 96  GLN n 
1 97  GLY n 
1 98  ASP n 
1 99  GLU n 
1 100 PRO n 
1 101 MET n 
1 102 ILE n 
1 103 ARG n 
1 104 PRO n 
1 105 ARG n 
1 106 ASP n 
1 107 VAL n 
1 108 GLU n 
1 109 THR n 
1 110 LEU n 
1 111 LEU n 
1 112 GLN n 
1 113 GLY n 
1 114 MET n 
1 115 ARG n 
1 116 ASP n 
1 117 ASP n 
1 118 PRO n 
1 119 ALA n 
1 120 LEU n 
1 121 PRO n 
1 122 VAL n 
1 123 ALA n 
1 124 THR n 
1 125 LEU n 
1 126 CYS n 
1 127 HIS n 
1 128 ALA n 
1 129 ILE n 
1 130 SER n 
1 131 ALA n 
1 132 ALA n 
1 133 GLU n 
1 134 ALA n 
1 135 ALA n 
1 136 GLU n 
1 137 PRO n 
1 138 SER n 
1 139 THR n 
1 140 VAL n 
1 141 LYS n 
1 142 VAL n 
1 143 VAL n 
1 144 VAL n 
1 145 ASN n 
1 146 THR n 
1 147 ARG n 
1 148 GLN n 
1 149 ASP n 
1 150 ALA n 
1 151 LEU n 
1 152 TYR n 
1 153 PHE n 
1 154 SER n 
1 155 ARG n 
1 156 SER n 
1 157 PRO n 
1 158 ILE n 
1 159 PRO n 
1 160 TYR n 
1 161 PRO n 
1 162 ARG n 
1 163 ASN n 
1 164 ALA n 
1 165 GLU n 
1 166 LYS n 
1 167 ALA n 
1 168 ARG n 
1 169 TYR n 
1 170 LEU n 
1 171 LYS n 
1 172 HIS n 
1 173 VAL n 
1 174 GLY n 
1 175 ILE n 
1 176 TYR n 
1 177 ALA n 
1 178 TYR n 
1 179 ARG n 
1 180 ARG n 
1 181 ASP n 
1 182 VAL n 
1 183 LEU n 
1 184 GLN n 
1 185 ASN n 
1 186 TYR n 
1 187 SER n 
1 188 GLN n 
1 189 LEU n 
1 190 PRO n 
1 191 GLU n 
1 192 SER n 
1 193 MET n 
1 194 PRO n 
1 195 GLU n 
1 196 GLN n 
1 197 ALA n 
1 198 GLU n 
1 199 SER n 
1 200 LEU n 
1 201 GLU n 
1 202 GLN n 
1 203 LEU n 
1 204 ARG n 
1 205 LEU n 
1 206 MET n 
1 207 ASN n 
1 208 ALA n 
1 209 GLY n 
1 210 ILE n 
1 211 ASN n 
1 212 ILE n 
1 213 ARG n 
1 214 THR n 
1 215 PHE n 
1 216 GLU n 
1 217 VAL n 
1 218 ALA n 
1 219 ALA n 
1 220 THR n 
1 221 GLY n 
1 222 PRO n 
1 223 GLY n 
1 224 VAL n 
1 225 ASP n 
1 226 THR n 
1 227 PRO n 
1 228 ALA n 
1 229 CYS n 
1 230 LEU n 
1 231 GLU n 
1 232 LYS n 
1 233 VAL n 
1 234 ARG n 
1 235 ALA n 
1 236 LEU n 
1 237 MET n 
1 238 ALA n 
1 239 GLN n 
1 240 GLU n 
1 241 LEU n 
1 242 ALA n 
1 243 GLU n 
1 244 ASN n 
1 245 ALA n 
# 
_entity_src_gen.entity_id                          1 
_entity_src_gen.pdbx_src_id                        1 
_entity_src_gen.pdbx_alt_source_flag               sample 
_entity_src_gen.pdbx_seq_type                      ? 
_entity_src_gen.pdbx_beg_seq_num                   ? 
_entity_src_gen.pdbx_end_seq_num                   ? 
_entity_src_gen.gene_src_common_name               ? 
_entity_src_gen.gene_src_genus                     ? 
_entity_src_gen.pdbx_gene_src_gene                 ? 
_entity_src_gen.gene_src_species                   ? 
_entity_src_gen.gene_src_strain                    K5 
_entity_src_gen.gene_src_tissue                    ? 
_entity_src_gen.gene_src_tissue_fraction           ? 
_entity_src_gen.gene_src_details                   ? 
_entity_src_gen.pdbx_gene_src_fragment             ? 
_entity_src_gen.pdbx_gene_src_scientific_name      'ESCHERICHIA COLI' 
_entity_src_gen.pdbx_gene_src_ncbi_taxonomy_id     562 
_entity_src_gen.pdbx_gene_src_variant              ? 
_entity_src_gen.pdbx_gene_src_cell_line            ? 
_entity_src_gen.pdbx_gene_src_atcc                 ? 
_entity_src_gen.pdbx_gene_src_organ                ? 
_entity_src_gen.pdbx_gene_src_organelle            ? 
_entity_src_gen.pdbx_gene_src_cell                 ? 
_entity_src_gen.pdbx_gene_src_cellular_location    ? 
_entity_src_gen.host_org_common_name               ? 
_entity_src_gen.pdbx_host_org_scientific_name      'ESCHERICHIA COLI' 
_entity_src_gen.pdbx_host_org_ncbi_taxonomy_id     562 
_entity_src_gen.host_org_genus                     ? 
_entity_src_gen.pdbx_host_org_gene                 ? 
_entity_src_gen.pdbx_host_org_organ                ? 
_entity_src_gen.host_org_species                   ? 
_entity_src_gen.pdbx_host_org_tissue               ? 
_entity_src_gen.pdbx_host_org_tissue_fraction      ? 
_entity_src_gen.pdbx_host_org_strain               ? 
_entity_src_gen.pdbx_host_org_variant              ? 
_entity_src_gen.pdbx_host_org_cell_line            ? 
_entity_src_gen.pdbx_host_org_atcc                 ? 
_entity_src_gen.pdbx_host_org_culture_collection   ? 
_entity_src_gen.pdbx_host_org_cell                 ? 
_entity_src_gen.pdbx_host_org_organelle            ? 
_entity_src_gen.pdbx_host_org_cellular_location    ? 
_entity_src_gen.pdbx_host_org_vector_type          ? 
_entity_src_gen.pdbx_host_org_vector               ? 
_entity_src_gen.host_org_details                   ? 
_entity_src_gen.expression_system_id               ? 
_entity_src_gen.plasmid_name                       ? 
_entity_src_gen.plasmid_details                    ? 
_entity_src_gen.pdbx_description                   ? 
# 
loop_
_chem_comp.id 
_chem_comp.type 
_chem_comp.mon_nstd_flag 
_chem_comp.name 
_chem_comp.pdbx_synonyms 
_chem_comp.formula 
_chem_comp.formula_weight 
ALA 'L-peptide linking' y ALANINE         ? 'C3 H7 N O2'     89.093  
ARG 'L-peptide linking' y ARGININE        ? 'C6 H15 N4 O2 1' 175.209 
ASN 'L-peptide linking' y ASPARAGINE      ? 'C4 H8 N2 O3'    132.118 
ASP 'L-peptide linking' y 'ASPARTIC ACID' ? 'C4 H7 N O4'     133.103 
CYS 'L-peptide linking' y CYSTEINE        ? 'C3 H7 N O2 S'   121.158 
GLN 'L-peptide linking' y GLUTAMINE       ? 'C5 H10 N2 O3'   146.144 
GLU 'L-peptide linking' y 'GLUTAMIC ACID' ? 'C5 H9 N O4'     147.129 
GLY 'peptide linking'   y GLYCINE         ? 'C2 H5 N O2'     75.067  
HIS 'L-peptide linking' y HISTIDINE       ? 'C6 H10 N3 O2 1' 156.162 
ILE 'L-peptide linking' y ISOLEUCINE      ? 'C6 H13 N O2'    131.173 
LEU 'L-peptide linking' y LEUCINE         ? 'C6 H13 N O2'    131.173 
LYS 'L-peptide linking' y LYSINE          ? 'C6 H15 N2 O2 1' 147.195 
MET 'L-peptide linking' y METHIONINE      ? 'C5 H11 N O2 S'  149.211 
PHE 'L-peptide linking' y PHENYLALANINE   ? 'C9 H11 N O2'    165.189 
PRO 'L-peptide linking' y PROLINE         ? 'C5 H9 N O2'     115.130 
SER 'L-peptide linking' y SERINE          ? 'C3 H7 N O3'     105.093 
THR 'L-peptide linking' y THREONINE       ? 'C4 H9 N O3'     119.119 
TRP 'L-peptide linking' y TRYPTOPHAN      ? 'C11 H12 N2 O2'  204.225 
TYR 'L-peptide linking' y TYROSINE        ? 'C9 H11 N O3'    181.189 
VAL 'L-peptide linking' y VALINE          ? 'C5 H11 N O2'    117.146 
# 
loop_
_pdbx_poly_seq_scheme.asym_id 
_pdbx_poly_seq_scheme.entity_id 
_pdbx_poly_seq_scheme.seq_id 
_pdbx_poly_seq_scheme.mon_id 
_pdbx_poly_seq_scheme.ndb_seq_num 
_pdbx_poly_seq_scheme.pdb_seq_num 
_pdbx_poly_seq_scheme.auth_seq_num 
_pdbx_poly_seq_scheme.pdb_mon_id 
_pdbx_poly_seq_scheme.auth_mon_id 
_pdbx_poly_seq_scheme.pdb_strand_id 
_pdbx_poly_seq_scheme.pdb_ins_code 
_pdbx_poly_seq_scheme.hetero 
A 1 1   SER 1   1   1   SER SER A . n 
A 1 2   LYS 2   2   2   LYS LYS A . n 
A 1 3   ALA 3   3   3   ALA ALA A . n 
A 1 4   VAL 4   4   4   VAL VAL A . n 
A 1 5   ILE 5   5   5   ILE ILE A . n 
A 1 6   VAL 6   6   6   VAL VAL A . n 
A 1 7   ILE 7   7   7   ILE ILE A . n 
A 1 8   PRO 8   8   8   PRO PRO A . n 
A 1 9   ALA 9   9   9   ALA ALA A . n 
A 1 10  ARG 10  10  10  ARG ARG A . n 
A 1 11  TYR 11  11  11  TYR TYR A . n 
A 1 12  GLY 12  12  12  GLY GLY A . n 
A 1 13  SER 13  13  13  SER SER A . n 
A 1 14  SER 14  14  14  SER SER A . n 
A 1 15  ARG 15  15  15  ARG ARG A . n 
A 1 16  LEU 16  16  16  LEU LEU A . n 
A 1 17  PRO 17  17  17  PRO PRO A . n 
A 1 18  GLY 18  18  18  GLY GLY A . n 
A 1 19  LYS 19  19  19  LYS LYS A . n 
A 1 20  PRO 20  20  20  PRO PRO A . n 
A 1 21  LEU 21  21  21  LEU LEU A . n 
A 1 22  LEU 22  22  22  LEU LEU A . n 
A 1 23  ASP 23  23  23  ASP ASP A . n 
A 1 24  ILE 24  24  24  ILE ILE A . n 
A 1 25  VAL 25  25  25  VAL VAL A . n 
A 1 26  GLY 26  26  26  GLY GLY A . n 
A 1 27  LYS 27  27  27  LYS LYS A . n 
A 1 28  PRO 28  28  28  PRO PRO A . n 
A 1 29  MET 29  29  29  MET MET A . n 
A 1 30  ILE 30  30  30  ILE ILE A . n 
A 1 31  GLN 31  31  31  GLN GLN A . n 
A 1 32  HIS 32  32  32  HIS HIS A . n 
A 1 33  VAL 33  33  33  VAL VAL A . n 
A 1 34  TYR 34  34  34  TYR TYR A . n 
A 1 35  GLU 35  35  35  GLU GLU A . n 
A 1 36  ARG 36  36  36  ARG ARG A . n 
A 1 37  ALA 37  37  37  ALA ALA A . n 
A 1 38  LEU 38  38  38  LEU LEU A . n 
A 1 39  GLN 39  39  39  GLN GLN A . n 
A 1 40  VAL 40  40  40  VAL VAL A . n 
A 1 41  ALA 41  41  41  ALA ALA A . n 
A 1 42  GLY 42  42  42  GLY GLY A . n 
A 1 43  VAL 43  43  43  VAL VAL A . n 
A 1 44  ALA 44  44  44  ALA ALA A . n 
A 1 45  GLU 45  45  45  GLU GLU A . n 
A 1 46  VAL 46  46  46  VAL VAL A . n 
A 1 47  TRP 47  47  47  TRP TRP A . n 
A 1 48  VAL 48  48  48  VAL VAL A . n 
A 1 49  ALA 49  49  49  ALA ALA A . n 
A 1 50  THR 50  50  50  THR THR A . n 
A 1 51  ASP 51  51  51  ASP ASP A . n 
A 1 52  ASP 52  52  52  ASP ASP A . n 
A 1 53  PRO 53  53  53  PRO PRO A . n 
A 1 54  ARG 54  54  54  ARG ARG A . n 
A 1 55  VAL 55  55  55  VAL VAL A . n 
A 1 56  GLU 56  56  56  GLU GLU A . n 
A 1 57  GLN 57  57  57  GLN GLN A . n 
A 1 58  ALA 58  58  58  ALA ALA A . n 
A 1 59  VAL 59  59  59  VAL VAL A . n 
A 1 60  GLN 60  60  60  GLN GLN A . n 
A 1 61  ALA 61  61  61  ALA ALA A . n 
A 1 62  PHE 62  62  62  PHE PHE A . n 
A 1 63  GLY 63  63  63  GLY GLY A . n 
A 1 64  GLY 64  64  64  GLY GLY A . n 
A 1 65  LYS 65  65  65  LYS LYS A . n 
A 1 66  ALA 66  66  66  ALA ALA A . n 
A 1 67  ILE 67  67  67  ILE ILE A . n 
A 1 68  MET 68  68  68  MET MET A . n 
A 1 69  THR 69  69  69  THR THR A . n 
A 1 70  ARG 70  70  70  ARG ARG A . n 
A 1 71  ASN 71  71  71  ASN ASN A . n 
A 1 72  ASP 72  72  72  ASP ASP A . n 
A 1 73  HIS 73  73  73  HIS HIS A . n 
A 1 74  GLU 74  74  74  GLU GLU A . n 
A 1 75  SER 75  75  75  SER SER A . n 
A 1 76  GLY 76  76  76  GLY GLY A . n 
A 1 77  THR 77  77  77  THR THR A . n 
A 1 78  ASP 78  78  78  ASP ASP A . n 
A 1 79  ARG 79  79  79  ARG ARG A . n 
A 1 80  LEU 80  80  80  LEU LEU A . n 
A 1 81  VAL 81  81  81  VAL VAL A . n 
A 1 82  GLU 82  82  82  GLU GLU A . n 
A 1 83  VAL 83  83  83  VAL VAL A . n 
A 1 84  MET 84  84  84  MET MET A . n 
A 1 85  HIS 85  85  85  HIS HIS A . n 
A 1 86  LYS 86  86  86  LYS LYS A . n 
A 1 87  VAL 87  87  87  VAL VAL A . n 
A 1 88  GLU 88  88  88  GLU GLU A . n 
A 1 89  ALA 89  89  89  ALA ALA A . n 
A 1 90  ASP 90  90  90  ASP ASP A . n 
A 1 91  ILE 91  91  91  ILE ILE A . n 
A 1 92  TYR 92  92  92  TYR TYR A . n 
A 1 93  ILE 93  93  93  ILE ILE A . n 
A 1 94  ASN 94  94  94  ASN ASN A . n 
A 1 95  LEU 95  95  95  LEU LEU A . n 
A 1 96  GLN 96  96  96  GLN GLN A . n 
A 1 97  GLY 97  97  97  GLY GLY A . n 
A 1 98  ASP 98  98  98  ASP ASP A . n 
A 1 99  GLU 99  99  99  GLU GLU A . n 
A 1 100 PRO 100 100 100 PRO PRO A . n 
A 1 101 MET 101 101 101 MET MET A . n 
A 1 102 ILE 102 102 102 ILE ILE A . n 
A 1 103 ARG 103 103 103 ARG ARG A . n 
A 1 104 PRO 104 104 104 PRO PRO A . n 
A 1 105 ARG 105 105 105 ARG ARG A . n 
A 1 106 ASP 106 106 106 ASP ASP A . n 
A 1 107 VAL 107 107 107 VAL VAL A . n 
A 1 108 GLU 108 108 108 GLU GLU A . n 
A 1 109 THR 109 109 109 THR THR A . n 
A 1 110 LEU 110 110 110 LEU LEU A . n 
A 1 111 LEU 111 111 111 LEU LEU A . n 
A 1 112 GLN 112 112 112 GLN GLN A . n 
A 1 113 GLY 113 113 113 GLY GLY A . n 
A 1 114 MET 114 114 114 MET MET A . n 
A 1 115 ARG 115 115 115 ARG ARG A . n 
A 1 116 ASP 116 116 116 ASP ASP A . n 
A 1 117 ASP 117 117 117 ASP ASP A . n 
A 1 118 PRO 118 118 118 PRO PRO A . n 
A 1 119 ALA 119 119 119 ALA ALA A . n 
A 1 120 LEU 120 120 120 LEU LEU A . n 
A 1 121 PRO 121 121 121 PRO PRO A . n 
A 1 122 VAL 122 122 122 VAL VAL A . n 
A 1 123 ALA 123 123 123 ALA ALA A . n 
A 1 124 THR 124 124 124 THR THR A . n 
A 1 125 LEU 125 125 125 LEU LEU A . n 
A 1 126 CYS 126 126 126 CYS CYS A . n 
A 1 127 HIS 127 127 127 HIS HIS A . n 
A 1 128 ALA 128 128 128 ALA ALA A . n 
A 1 129 ILE 129 129 129 ILE ILE A . n 
A 1 130 SER 130 130 130 SER SER A . n 
A 1 131 ALA 131 131 131 ALA ALA A . n 
A 1 132 ALA 132 132 132 ALA ALA A . n 
A 1 133 GLU 133 133 133 GLU GLU A . n 
A 1 134 ALA 134 134 134 ALA ALA A . n 
A 1 135 ALA 135 135 135 ALA ALA A . n 
A 1 136 GLU 136 136 136 GLU GLU A . n 
A 1 137 PRO 137 137 137 PRO PRO A . n 
A 1 138 SER 138 138 138 SER SER A . n 
A 1 139 THR 139 139 139 THR THR A . n 
A 1 140 VAL 140 140 140 VAL VAL A . n 
A 1 141 LYS 141 141 141 LYS LYS A . n 
A 1 142 VAL 142 142 142 VAL VAL A . n 
A 1 143 VAL 143 143 143 VAL VAL A . n 
A 1 144 VAL 144 144 144 VAL VAL A . n 
A 1 145 ASN 145 145 145 ASN ASN A . n 
A 1 146 THR 146 146 146 THR THR A . n 
A 1 147 ARG 147 147 147 ARG ARG A . n 
A 1 148 GLN 148 148 148 GLN GLN A . n 
A 1 149 ASP 149 149 149 ASP ASP A . n 
A 1 150 ALA 150 150 150 ALA ALA A . n 
A 1 151 LEU 151 151 151 LEU LEU A . n 
A 1 152 TYR 152 152 152 TYR TYR A . n 
A 1 153 PHE 153 153 153 PHE PHE A . n 
A 1 154 SER 154 154 154 SER SER A . n 
A 1 155 ARG 155 155 155 ARG ARG A . n 
A 1 156 SER 156 156 156 SER SER A . n 
A 1 157 PRO 157 157 157 PRO PRO A . n 
A 1 158 ILE 158 158 158 ILE ILE A . n 
A 1 159 PRO 159 159 159 PRO PRO A . n 
A 1 160 TYR 160 160 160 TYR TYR A . n 
A 1 161 PRO 161 161 161 PRO PRO A . n 
A 1 162 ARG 162 162 162 ARG ARG A . n 
A 1 163 ASN 163 163 163 ASN ASN A . n 
A 1 164 ALA 164 164 164 ALA ALA A . n 
A 1 165 GLU 165 165 165 GLU GLU A . n 
A 1 166 LYS 166 166 166 LYS LYS A . n 
A 1 167 ALA 167 167 167 ALA ALA A . n 
A 1 168 ARG 168 168 168 ARG ARG A . n 
A 1 169 TYR 169 169 169 TYR TYR A . n 
A 1 170 LEU 170 170 170 LEU LEU A . n 
A 1 171 LYS 171 171 171 LYS LYS A . n 
A 1 172 HIS 172 172 172 HIS HIS A . n 
A 1 173 VAL 173 173 173 VAL VAL A . n 
A 1 174 GLY 174 174 174 GLY GLY A . n 
A 1 175 ILE 175 175 175 ILE ILE A . n 
A 1 176 TYR 176 176 176 TYR TYR A . n 
A 1 177 ALA 177 177 177 ALA ALA A . n 
A 1 178 TYR 178 178 178 TYR TYR A . n 
A 1 179 ARG 179 179 179 ARG ARG A . n 
A 1 180 ARG 180 180 180 ARG ARG A . n 
A 1 181 ASP 181 181 181 ASP ASP A . n 
A 1 182 VAL 182 182 182 VAL VAL A . n 
A 1 183 LEU 183 183 183 LEU LEU A . n 
A 1 184 GLN 184 184 184 GLN GLN A . n 
A 1 185 ASN 185 185 185 ASN ASN A . n 
A 1 186 TYR 186 186 186 TYR TYR A . n 
A 1 187 SER 187 187 187 SER SER A . n 
A 1 188 GLN 188 188 188 GLN GLN A . n 
A 1 189 LEU 189 189 189 LEU LEU A . n 
A 1 190 PRO 190 190 190 PRO PRO A . n 
A 1 191 GLU 191 191 191 GLU GLU A . n 
A 1 192 SER 192 192 192 SER SER A . n 
A 1 193 MET 193 193 193 MET MET A . n 
A 1 194 PRO 194 194 194 PRO PRO A . n 
A 1 195 GLU 195 195 195 GLU GLU A . n 
A 1 196 GLN 196 196 196 GLN GLN A . n 
A 1 197 ALA 197 197 197 ALA ALA A . n 
A 1 198 GLU 198 198 198 GLU GLU A . n 
A 1 199 SER 199 199 199 SER SER A . n 
A 1 200 LEU 200 200 200 LEU LEU A . n 
A 1 201 GLU 201 201 201 GLU GLU A . n 
A 1 202 GLN 202 202 202 GLN GLN A . n 
A 1 203 LEU 203 203 203 LEU LEU A . n 
A 1 204 ARG 204 204 204 ARG ARG A . n 
A 1 205 LEU 205 205 205 LEU LEU A . n 
A 1 206 MET 206 206 206 MET MET A . n 
A 1 207 ASN 207 207 207 ASN ASN A . n 
A 1 208 ALA 208 208 208 ALA ALA A . n 
A 1 209 GLY 209 209 209 GLY GLY A . n 
A 1 210 ILE 210 210 210 ILE ILE A . n 
A 1 211 ASN 211 211 211 ASN ASN A . n 
A 1 212 ILE 212 212 212 ILE ILE A . n 
A 1 213 ARG 213 213 213 ARG ARG A . n 
A 1 214 THR 214 214 214 THR THR A . n 
A 1 215 PHE 215 215 215 PHE PHE A . n 
A 1 216 GLU 216 216 216 GLU GLU A . n 
A 1 217 VAL 217 217 217 VAL VAL A . n 
A 1 218 ALA 218 218 218 ALA ALA A . n 
A 1 219 ALA 219 219 219 ALA ALA A . n 
A 1 220 THR 220 220 220 THR THR A . n 
A 1 221 GLY 221 221 221 GLY GLY A . n 
A 1 222 PRO 222 222 222 PRO PRO A . n 
A 1 223 GLY 223 223 223 GLY GLY A . n 
A 1 224 VAL 224 224 224 VAL VAL A . n 
A 1 225 ASP 225 225 225 ASP ASP A . n 
A 1 226 THR 226 226 226 THR THR A . n 
A 1 227 PRO 227 227 227 PRO PRO A . n 
A 1 228 ALA 228 228 228 ALA ALA A . n 
A 1 229 CYS 229 229 229 CYS CYS A . n 
A 1 230 LEU 230 230 230 LEU LEU A . n 
A 1 231 GLU 231 231 231 GLU GLU A . n 
A 1 232 LYS 232 232 232 LYS LYS A . n 
A 1 233 VAL 233 233 233 VAL VAL A . n 
A 1 234 ARG 234 234 234 ARG ARG A . n 
A 1 235 ALA 235 235 235 ALA ALA A . n 
A 1 236 LEU 236 236 236 LEU LEU A . n 
A 1 237 MET 237 237 237 MET MET A . n 
A 1 238 ALA 238 238 238 ALA ALA A . n 
A 1 239 GLN 239 239 239 GLN GLN A . n 
A 1 240 GLU 240 240 240 GLU GLU A . n 
A 1 241 LEU 241 241 241 LEU LEU A . n 
A 1 242 ALA 242 242 ?   ?   ?   A . n 
A 1 243 GLU 243 243 ?   ?   ?   A . n 
A 1 244 ASN 244 244 ?   ?   ?   A . n 
A 1 245 ALA 245 245 ?   ?   ?   A . n 
B 1 1   SER 1   1   1   SER SER B . n 
B 1 2   LYS 2   2   2   LYS LYS B . n 
B 1 3   ALA 3   3   3   ALA ALA B . n 
B 1 4   VAL 4   4   4   VAL VAL B . n 
B 1 5   ILE 5   5   5   ILE ILE B . n 
B 1 6   VAL 6   6   6   VAL VAL B . n 
B 1 7   ILE 7   7   7   ILE ILE B . n 
B 1 8   PRO 8   8   8   PRO PRO B . n 
B 1 9   ALA 9   9   9   ALA ALA B . n 
B 1 10  ARG 10  10  10  ARG ARG B . n 
B 1 11  TYR 11  11  11  TYR TYR B . n 
B 1 12  GLY 12  12  12  GLY GLY B . n 
B 1 13  SER 13  13  13  SER SER B . n 
B 1 14  SER 14  14  14  SER SER B . n 
B 1 15  ARG 15  15  15  ARG ARG B . n 
B 1 16  LEU 16  16  16  LEU LEU B . n 
B 1 17  PRO 17  17  17  PRO PRO B . n 
B 1 18  GLY 18  18  18  GLY GLY B . n 
B 1 19  LYS 19  19  19  LYS LYS B . n 
B 1 20  PRO 20  20  20  PRO PRO B . n 
B 1 21  LEU 21  21  21  LEU LEU B . n 
B 1 22  LEU 22  22  22  LEU LEU B . n 
B 1 23  ASP 23  23  23  ASP ASP B . n 
B 1 24  ILE 24  24  24  ILE ILE B . n 
B 1 25  VAL 25  25  25  VAL VAL B . n 
B 1 26  GLY 26  26  26  GLY GLY B . n 
B 1 27  LYS 27  27  27  LYS LYS B . n 
B 1 28  PRO 28  28  28  PRO PRO B . n 
B 1 29  MET 29  29  29  MET MET B . n 
B 1 30  ILE 30  30  30  ILE ILE B . n 
B 1 31  GLN 31  31  31  GLN GLN B . n 
B 1 32  HIS 32  32  32  HIS HIS B . n 
B 1 33  VAL 33  33  33  VAL VAL B . n 
B 1 34  TYR 34  34  34  TYR TYR B . n 
B 1 35  GLU 35  35  35  GLU GLU B . n 
B 1 36  ARG 36  36  36  ARG ARG B . n 
B 1 37  ALA 37  37  37  ALA ALA B . n 
B 1 38  LEU 38  38  38  LEU LEU B . n 
B 1 39  GLN 39  39  39  GLN GLN B . n 
B 1 40  VAL 40  40  40  VAL VAL B . n 
B 1 41  ALA 41  41  41  ALA ALA B . n 
B 1 42  GLY 42  42  42  GLY GLY B . n 
B 1 43  VAL 43  43  43  VAL VAL B . n 
B 1 44  ALA 44  44  44  ALA ALA B . n 
B 1 45  GLU 45  45  45  GLU GLU B . n 
B 1 46  VAL 46  46  46  VAL VAL B . n 
B 1 47  TRP 47  47  47  TRP TRP B . n 
B 1 48  VAL 48  48  48  VAL VAL B . n 
B 1 49  ALA 49  49  49  ALA ALA B . n 
B 1 50  THR 50  50  50  THR THR B . n 
B 1 51  ASP 51  51  51  ASP ASP B . n 
B 1 52  ASP 52  52  52  ASP ASP B . n 
B 1 53  PRO 53  53  53  PRO PRO B . n 
B 1 54  ARG 54  54  54  ARG ARG B . n 
B 1 55  VAL 55  55  55  VAL VAL B . n 
B 1 56  GLU 56  56  56  GLU GLU B . n 
B 1 57  GLN 57  57  57  GLN GLN B . n 
B 1 58  ALA 58  58  58  ALA ALA B . n 
B 1 59  VAL 59  59  59  VAL VAL B . n 
B 1 60  GLN 60  60  60  GLN GLN B . n 
B 1 61  ALA 61  61  61  ALA ALA B . n 
B 1 62  PHE 62  62  62  PHE PHE B . n 
B 1 63  GLY 63  63  63  GLY GLY B . n 
B 1 64  GLY 64  64  64  GLY GLY B . n 
B 1 65  LYS 65  65  65  LYS LYS B . n 
B 1 66  ALA 66  66  66  ALA ALA B . n 
B 1 67  ILE 67  67  67  ILE ILE B . n 
B 1 68  MET 68  68  68  MET MET B . n 
B 1 69  THR 69  69  69  THR THR B . n 
B 1 70  ARG 70  70  70  ARG ARG B . n 
B 1 71  ASN 71  71  71  ASN ASN B . n 
B 1 72  ASP 72  72  72  ASP ASP B . n 
B 1 73  HIS 73  73  73  HIS HIS B . n 
B 1 74  GLU 74  74  74  GLU GLU B . n 
B 1 75  SER 75  75  75  SER SER B . n 
B 1 76  GLY 76  76  76  GLY GLY B . n 
B 1 77  THR 77  77  77  THR THR B . n 
B 1 78  ASP 78  78  78  ASP ASP B . n 
B 1 79  ARG 79  79  79  ARG ARG B . n 
B 1 80  LEU 80  80  80  LEU LEU B . n 
B 1 81  VAL 81  81  81  VAL VAL B . n 
B 1 82  GLU 82  82  82  GLU GLU B . n 
B 1 83  VAL 83  83  83  VAL VAL B . n 
B 1 84  MET 84  84  84  MET MET B . n 
B 1 85  HIS 85  85  85  HIS HIS B . n 
B 1 86  LYS 86  86  86  LYS LYS B . n 
B 1 87  VAL 87  87  87  VAL VAL B . n 
B 1 88  GLU 88  88  88  GLU GLU B . n 
B 1 89  ALA 89  89  89  ALA ALA B . n 
B 1 90  ASP 90  90  90  ASP ASP B . n 
B 1 91  ILE 91  91  91  ILE ILE B . n 
B 1 92  TYR 92  92  92  TYR TYR B . n 
B 1 93  ILE 93  93  93  ILE ILE B . n 
B 1 94  ASN 94  94  94  ASN ASN B . n 
B 1 95  LEU 95  95  95  LEU LEU B . n 
B 1 96  GLN 96  96  96  GLN GLN B . n 
B 1 97  GLY 97  97  97  GLY GLY B . n 
B 1 98  ASP 98  98  98  ASP ASP B . n 
B 1 99  GLU 99  99  99  GLU GLU B . n 
B 1 100 PRO 100 100 100 PRO PRO B . n 
B 1 101 MET 101 101 101 MET MET B . n 
B 1 102 ILE 102 102 102 ILE ILE B . n 
B 1 103 ARG 103 103 103 ARG ARG B . n 
B 1 104 PRO 104 104 104 PRO PRO B . n 
B 1 105 ARG 105 105 105 ARG ARG B . n 
B 1 106 ASP 106 106 106 ASP ASP B . n 
B 1 107 VAL 107 107 107 VAL VAL B . n 
B 1 108 GLU 108 108 108 GLU GLU B . n 
B 1 109 THR 109 109 109 THR THR B . n 
B 1 110 LEU 110 110 110 LEU LEU B . n 
B 1 111 LEU 111 111 111 LEU LEU B . n 
B 1 112 GLN 112 112 112 GLN GLN B . n 
B 1 113 GLY 113 113 113 GLY GLY B . n 
B 1 114 MET 114 114 114 MET MET B . n 
B 1 115 ARG 115 115 115 ARG ARG B . n 
B 1 116 ASP 116 116 116 ASP ASP B . n 
B 1 117 ASP 117 117 117 ASP ASP B . n 
B 1 118 PRO 118 118 118 PRO PRO B . n 
B 1 119 ALA 119 119 119 ALA ALA B . n 
B 1 120 LEU 120 120 120 LEU LEU B . n 
B 1 121 PRO 121 121 121 PRO PRO B . n 
B 1 122 VAL 122 122 122 VAL VAL B . n 
B 1 123 ALA 123 123 123 ALA ALA B . n 
B 1 124 THR 124 124 124 THR THR B . n 
B 1 125 LEU 125 125 125 LEU LEU B . n 
B 1 126 CYS 126 126 126 CYS CYS B . n 
B 1 127 HIS 127 127 127 HIS HIS B . n 
B 1 128 ALA 128 128 128 ALA ALA B . n 
B 1 129 ILE 129 129 129 ILE ILE B . n 
B 1 130 SER 130 130 130 SER SER B . n 
B 1 131 ALA 131 131 131 ALA ALA B . n 
B 1 132 ALA 132 132 132 ALA ALA B . n 
B 1 133 GLU 133 133 133 GLU GLU B . n 
B 1 134 ALA 134 134 134 ALA ALA B . n 
B 1 135 ALA 135 135 135 ALA ALA B . n 
B 1 136 GLU 136 136 136 GLU GLU B . n 
B 1 137 PRO 137 137 137 PRO PRO B . n 
B 1 138 SER 138 138 138 SER SER B . n 
B 1 139 THR 139 139 139 THR THR B . n 
B 1 140 VAL 140 140 140 VAL VAL B . n 
B 1 141 LYS 141 141 141 LYS LYS B . n 
B 1 142 VAL 142 142 142 VAL VAL B . n 
B 1 143 VAL 143 143 143 VAL VAL B . n 
B 1 144 VAL 144 144 144 VAL VAL B . n 
B 1 145 ASN 145 145 145 ASN ASN B . n 
B 1 146 THR 146 146 146 THR THR B . n 
B 1 147 ARG 147 147 147 ARG ARG B . n 
B 1 148 GLN 148 148 148 GLN GLN B . n 
B 1 149 ASP 149 149 149 ASP ASP B . n 
B 1 150 ALA 150 150 150 ALA ALA B . n 
B 1 151 LEU 151 151 151 LEU LEU B . n 
B 1 152 TYR 152 152 152 TYR TYR B . n 
B 1 153 PHE 153 153 153 PHE PHE B . n 
B 1 154 SER 154 154 154 SER SER B . n 
B 1 155 ARG 155 155 155 ARG ARG B . n 
B 1 156 SER 156 156 156 SER SER B . n 
B 1 157 PRO 157 157 157 PRO PRO B . n 
B 1 158 ILE 158 158 158 ILE ILE B . n 
B 1 159 PRO 159 159 159 PRO PRO B . n 
B 1 160 TYR 160 160 160 TYR TYR B . n 
B 1 161 PRO 161 161 161 PRO PRO B . n 
B 1 162 ARG 162 162 162 ARG ARG B . n 
B 1 163 ASN 163 163 163 ASN ASN B . n 
B 1 164 ALA 164 164 164 ALA ALA B . n 
B 1 165 GLU 165 165 165 GLU GLU B . n 
B 1 166 LYS 166 166 166 LYS LYS B . n 
B 1 167 ALA 167 167 167 ALA ALA B . n 
B 1 168 ARG 168 168 168 ARG ARG B . n 
B 1 169 TYR 169 169 169 TYR TYR B . n 
B 1 170 LEU 170 170 170 LEU LEU B . n 
B 1 171 LYS 171 171 171 LYS LYS B . n 
B 1 172 HIS 172 172 172 HIS HIS B . n 
B 1 173 VAL 173 173 173 VAL VAL B . n 
B 1 174 GLY 174 174 174 GLY GLY B . n 
B 1 175 ILE 175 175 175 ILE ILE B . n 
B 1 176 TYR 176 176 176 TYR TYR B . n 
B 1 177 ALA 177 177 177 ALA ALA B . n 
B 1 178 TYR 178 178 178 TYR TYR B . n 
B 1 179 ARG 179 179 179 ARG ARG B . n 
B 1 180 ARG 180 180 180 ARG ARG B . n 
B 1 181 ASP 181 181 181 ASP ASP B . n 
B 1 182 VAL 182 182 182 VAL VAL B . n 
B 1 183 LEU 183 183 183 LEU LEU B . n 
B 1 184 GLN 184 184 184 GLN GLN B . n 
B 1 185 ASN 185 185 185 ASN ASN B . n 
B 1 186 TYR 186 186 186 TYR TYR B . n 
B 1 187 SER 187 187 187 SER SER B . n 
B 1 188 GLN 188 188 188 GLN GLN B . n 
B 1 189 LEU 189 189 189 LEU LEU B . n 
B 1 190 PRO 190 190 190 PRO PRO B . n 
B 1 191 GLU 191 191 191 GLU GLU B . n 
B 1 192 SER 192 192 192 SER SER B . n 
B 1 193 MET 193 193 193 MET MET B . n 
B 1 194 PRO 194 194 194 PRO PRO B . n 
B 1 195 GLU 195 195 195 GLU GLU B . n 
B 1 196 GLN 196 196 196 GLN GLN B . n 
B 1 197 ALA 197 197 197 ALA ALA B . n 
B 1 198 GLU 198 198 198 GLU GLU B . n 
B 1 199 SER 199 199 199 SER SER B . n 
B 1 200 LEU 200 200 200 LEU LEU B . n 
B 1 201 GLU 201 201 201 GLU GLU B . n 
B 1 202 GLN 202 202 202 GLN GLN B . n 
B 1 203 LEU 203 203 203 LEU LEU B . n 
B 1 204 ARG 204 204 204 ARG ARG B . n 
B 1 205 LEU 205 205 205 LEU LEU B . n 
B 1 206 MET 206 206 206 MET MET B . n 
B 1 207 ASN 207 207 207 ASN ASN B . n 
B 1 208 ALA 208 208 208 ALA ALA B . n 
B 1 209 GLY 209 209 209 GLY GLY B . n 
B 1 210 ILE 210 210 210 ILE ILE B . n 
B 1 211 ASN 211 211 211 ASN ASN B . n 
B 1 212 ILE 212 212 212 ILE ILE B . n 
B 1 213 ARG 213 213 213 ARG ARG B . n 
B 1 214 THR 214 214 214 THR THR B . n 
B 1 215 PHE 215 215 215 PHE PHE B . n 
B 1 216 GLU 216 216 216 GLU GLU B . n 
B 1 217 VAL 217 217 217 VAL VAL B . n 
B 1 218 ALA 218 218 218 ALA ALA B . n 
B 1 219 ALA 219 219 219 ALA ALA B . n 
B 1 220 THR 220 220 220 THR THR B . n 
B 1 221 GLY 221 221 221 GLY GLY B . n 
B 1 222 PRO 222 222 222 PRO PRO B . n 
B 1 223 GLY 223 223 223 GLY GLY B . n 
B 1 224 VAL 224 224 224 VAL VAL B . n 
B 1 225 ASP 225 225 225 ASP ASP B . n 
B 1 226 THR 226 226 226 THR THR B . n 
B 1 227 PRO 227 227 227 PRO PRO B . n 
B 1 228 ALA 228 228 228 ALA ALA B . n 
B 1 229 CYS 229 229 229 CYS CYS B . n 
B 1 230 LEU 230 230 230 LEU LEU B . n 
B 1 231 GLU 231 231 231 GLU GLU B . n 
B 1 232 LYS 232 232 232 LYS LYS B . n 
B 1 233 VAL 233 233 233 VAL VAL B . n 
B 1 234 ARG 234 234 234 ARG ARG B . n 
B 1 235 ALA 235 235 235 ALA ALA B . n 
B 1 236 LEU 236 236 236 LEU LEU B . n 
B 1 237 MET 237 237 237 MET MET B . n 
B 1 238 ALA 238 238 238 ALA ALA B . n 
B 1 239 GLN 239 239 239 GLN GLN B . n 
B 1 240 GLU 240 240 240 GLU GLU B . n 
B 1 241 LEU 241 241 241 LEU LEU B . n 
B 1 242 ALA 242 242 ?   ?   ?   B . n 
B 1 243 GLU 243 243 ?   ?   ?   B . n 
B 1 244 ASN 244 244 ?   ?   ?   B . n 
B 1 245 ALA 245 245 ?   ?   ?   B . n 
# 
_software.name             X-PLOR 
_software.classification   refinement 
_software.version          . 
_software.citation_id      ? 
_software.pdbx_ordinal     1 
# 
_cell.entry_id           1H6J 
_cell.length_a           46.090 
_cell.length_b           133.460 
_cell.length_c           48.330 
_cell.angle_alpha        90.00 
_cell.angle_beta         102.51 
_cell.angle_gamma        90.00 
_cell.Z_PDB              4 
_cell.pdbx_unique_axis   ? 
# 
_symmetry.entry_id                         1H6J 
_symmetry.space_group_name_H-M             'P 1 21 1' 
_symmetry.pdbx_full_space_group_name_H-M   ? 
_symmetry.cell_setting                     ? 
_symmetry.Int_Tables_number                4 
# 
_exptl.entry_id          1H6J 
_exptl.method            'X-RAY DIFFRACTION' 
_exptl.crystals_number   ? 
# 
_exptl_crystal.id                    1 
_exptl_crystal.density_meas          ? 
_exptl_crystal.density_Matthews      2.68 
_exptl_crystal.density_percent_sol   54.13 
_exptl_crystal.description           ? 
# 
_exptl_crystal_grow.crystal_id      1 
_exptl_crystal_grow.method          ? 
_exptl_crystal_grow.temp            ? 
_exptl_crystal_grow.temp_details    ? 
_exptl_crystal_grow.pH              9.40 
_exptl_crystal_grow.pdbx_pH_range   ? 
_exptl_crystal_grow.pdbx_details    'pH 9.40' 
# 
_diffrn.id                     1 
_diffrn.ambient_temp           297.0 
_diffrn.ambient_temp_details   ? 
_diffrn.crystal_id             1 
# 
_diffrn_radiation.diffrn_id                        1 
_diffrn_radiation.wavelength_id                    1 
_diffrn_radiation.pdbx_monochromatic_or_laue_m_l   M 
_diffrn_radiation.monochromator                    ? 
_diffrn_radiation.pdbx_diffrn_protocol             'SINGLE WAVELENGTH' 
_diffrn_radiation.pdbx_scattering_type             x-ray 
# 
_diffrn_radiation_wavelength.id           1 
_diffrn_radiation_wavelength.wavelength   1.5418 
_diffrn_radiation_wavelength.wt           1.0 
# 
_diffrn_source.diffrn_id                   1 
_diffrn_source.source                      'ROTATING ANODE' 
_diffrn_source.type                        ? 
_diffrn_source.pdbx_synchrotron_site       ? 
_diffrn_source.pdbx_synchrotron_beamline   ? 
_diffrn_source.pdbx_wavelength             1.5418 
_diffrn_source.pdbx_wavelength_list        ? 
# 
_reflns.pdbx_diffrn_id               1 
_reflns.pdbx_ordinal                 1 
_reflns.entry_id                     1H6J 
_reflns.observed_criterion_sigma_I   ? 
_reflns.observed_criterion_sigma_F   ? 
_reflns.d_resolution_low             25.000 
_reflns.d_resolution_high            2.300 
_reflns.number_obs                   22560 
_reflns.number_all                   ? 
_reflns.percent_possible_obs         95.0 
_reflns.pdbx_Rmerge_I_obs            0.06800 
_reflns.pdbx_Rsym_value              ? 
_reflns.pdbx_netI_over_sigmaI        13.0000 
_reflns.B_iso_Wilson_estimate        ? 
_reflns.pdbx_redundancy              2.400 
# 
_refine.pdbx_refine_id                           'X-RAY DIFFRACTION' 
_refine.entry_id                                 1H6J 
_refine.pdbx_diffrn_id                           1 
_refine.pdbx_TLS_residual_ADP_flag               ? 
_refine.ls_number_reflns_obs                     21233 
_refine.ls_number_reflns_all                     ? 
_refine.pdbx_ls_sigma_I                          ? 
_refine.pdbx_ls_sigma_F                          0.0 
_refine.pdbx_data_cutoff_high_absF               ? 
_refine.pdbx_data_cutoff_low_absF                ? 
_refine.pdbx_data_cutoff_high_rms_absF           ? 
_refine.ls_d_res_low                             10.00 
_refine.ls_d_res_high                            2.32 
_refine.ls_percent_reflns_obs                    90 
_refine.ls_R_factor_obs                          0.225 
_refine.ls_R_factor_all                          ? 
_refine.ls_R_factor_R_work                       0.225 
_refine.ls_R_factor_R_free                       0.266 
_refine.ls_R_factor_R_free_error                 ? 
_refine.ls_R_factor_R_free_error_details         ? 
_refine.ls_percent_reflns_R_free                 5.0 
_refine.ls_number_reflns_R_free                  1091 
_refine.ls_number_parameters                     ? 
_refine.ls_number_restraints                     ? 
_refine.occupancy_min                            ? 
_refine.occupancy_max                            ? 
_refine.correlation_coeff_Fo_to_Fc               ? 
_refine.correlation_coeff_Fo_to_Fc_free          ? 
_refine.B_iso_mean                               ? 
_refine.aniso_B[1][1]                            ? 
_refine.aniso_B[2][2]                            ? 
_refine.aniso_B[3][3]                            ? 
_refine.aniso_B[1][2]                            ? 
_refine.aniso_B[1][3]                            ? 
_refine.aniso_B[2][3]                            ? 
_refine.solvent_model_details                    ? 
_refine.solvent_model_param_ksol                 ? 
_refine.solvent_model_param_bsol                 ? 
_refine.pdbx_solvent_vdw_probe_radii             ? 
_refine.pdbx_solvent_ion_probe_radii             ? 
_refine.pdbx_solvent_shrinkage_radii             ? 
_refine.pdbx_ls_cross_valid_method               THROUGHOUT 
_refine.details                                  ? 
_refine.pdbx_starting_model                      ? 
_refine.pdbx_method_to_determine_struct          MIR 
_refine.pdbx_isotropic_thermal_model             ? 
_refine.pdbx_stereochemistry_target_values       ? 
_refine.pdbx_stereochem_target_val_spec_case     ? 
_refine.pdbx_R_Free_selection_details            RANDOM 
_refine.pdbx_overall_ESU_R                       ? 
_refine.pdbx_overall_ESU_R_Free                  ? 
_refine.overall_SU_ML                            ? 
_refine.pdbx_overall_phase_error                 ? 
_refine.overall_SU_B                             ? 
_refine.overall_SU_R_Cruickshank_DPI             ? 
_refine.pdbx_overall_SU_R_free_Cruickshank_DPI   ? 
_refine.pdbx_overall_SU_R_Blow_DPI               ? 
_refine.pdbx_overall_SU_R_free_Blow_DPI          ? 
# 
_refine_hist.pdbx_refine_id                   'X-RAY DIFFRACTION' 
_refine_hist.cycle_id                         LAST 
_refine_hist.pdbx_number_atoms_protein        482 
_refine_hist.pdbx_number_atoms_nucleic_acid   0 
_refine_hist.pdbx_number_atoms_ligand         0 
_refine_hist.number_atoms_solvent             0 
_refine_hist.number_atoms_total               482 
_refine_hist.d_res_high                       2.32 
_refine_hist.d_res_low                        10.00 
# 
loop_
_refine_ls_restr.type 
_refine_ls_restr.dev_ideal 
_refine_ls_restr.dev_ideal_target 
_refine_ls_restr.weight 
_refine_ls_restr.number 
_refine_ls_restr.pdbx_refine_id 
_refine_ls_restr.pdbx_restraint_function 
x_bond_d                0.008 ? ? ? 'X-RAY DIFFRACTION' ? 
x_bond_d_na             ?     ? ? ? 'X-RAY DIFFRACTION' ? 
x_bond_d_prot           ?     ? ? ? 'X-RAY DIFFRACTION' ? 
x_angle_d               ?     ? ? ? 'X-RAY DIFFRACTION' ? 
x_angle_d_na            ?     ? ? ? 'X-RAY DIFFRACTION' ? 
x_angle_d_prot          ?     ? ? ? 'X-RAY DIFFRACTION' ? 
x_angle_deg             1.4   ? ? ? 'X-RAY DIFFRACTION' ? 
x_angle_deg_na          ?     ? ? ? 'X-RAY DIFFRACTION' ? 
x_angle_deg_prot        ?     ? ? ? 'X-RAY DIFFRACTION' ? 
x_dihedral_angle_d      ?     ? ? ? 'X-RAY DIFFRACTION' ? 
x_dihedral_angle_d_na   ?     ? ? ? 'X-RAY DIFFRACTION' ? 
x_dihedral_angle_d_prot ?     ? ? ? 'X-RAY DIFFRACTION' ? 
x_improper_angle_d      ?     ? ? ? 'X-RAY DIFFRACTION' ? 
x_improper_angle_d_na   ?     ? ? ? 'X-RAY DIFFRACTION' ? 
x_improper_angle_d_prot ?     ? ? ? 'X-RAY DIFFRACTION' ? 
x_mcbond_it             ?     ? ? ? 'X-RAY DIFFRACTION' ? 
x_mcangle_it            ?     ? ? ? 'X-RAY DIFFRACTION' ? 
x_scbond_it             ?     ? ? ? 'X-RAY DIFFRACTION' ? 
x_scangle_it            ?     ? ? ? 'X-RAY DIFFRACTION' ? 
# 
_struct_ncs_oper.id             1 
_struct_ncs_oper.code           given 
_struct_ncs_oper.details        ? 
_struct_ncs_oper.matrix[1][1]   0.43693495 
_struct_ncs_oper.matrix[1][2]   0.42624526 
_struct_ncs_oper.matrix[1][3]   -0.79208753 
_struct_ncs_oper.matrix[2][1]   0.42649912 
_struct_ncs_oper.matrix[2][2]   -0.87348585 
_struct_ncs_oper.matrix[2][3]   -0.23477948 
_struct_ncs_oper.matrix[3][1]   -0.79195122 
_struct_ncs_oper.matrix[3][2]   -0.23524151 
_struct_ncs_oper.matrix[3][3]   -0.56345010 
_struct_ncs_oper.vector[1]      -0.02696 
_struct_ncs_oper.vector[2]      -0.00346 
_struct_ncs_oper.vector[3]      0.01702 
# 
_struct.entry_id                  1H6J 
_struct.title                     
'The three-dimensional structure of capsule-specific CMP:2-keto-3-deoxy-manno-octonic acid synthetase from Escherichia coli' 
_struct.pdbx_model_details        ? 
_struct.pdbx_CASP_flag            ? 
_struct.pdbx_model_type_details   'CA ATOMS ONLY, CHAIN A, B' 
# 
_struct_keywords.entry_id        1H6J 
_struct_keywords.pdbx_keywords   NUCLEOTIDYLTRANSFERASE 
_struct_keywords.text            'NUCLEOTIDYLTRANSFERASE, CMP-KDO SYNTHETASE, CAPSULAR POLYSACCHARIDE, SACCHARIDE ACTIVATION' 
# 
loop_
_struct_asym.id 
_struct_asym.pdbx_blank_PDB_chainid_flag 
_struct_asym.pdbx_modified 
_struct_asym.entity_id 
_struct_asym.details 
A N N 1 ? 
B N N 1 ? 
# 
_struct_ref.id                         1 
_struct_ref.db_name                    UNP 
_struct_ref.db_code                    KSU5_ECOLI 
_struct_ref.entity_id                  1 
_struct_ref.pdbx_seq_one_letter_code   ? 
_struct_ref.pdbx_align_begin           ? 
_struct_ref.pdbx_db_accession          P42216 
_struct_ref.pdbx_db_isoform            ? 
# 
loop_
_struct_ref_seq.align_id 
_struct_ref_seq.ref_id 
_struct_ref_seq.pdbx_PDB_id_code 
_struct_ref_seq.pdbx_strand_id 
_struct_ref_seq.seq_align_beg 
_struct_ref_seq.pdbx_seq_align_beg_ins_code 
_struct_ref_seq.seq_align_end 
_struct_ref_seq.pdbx_seq_align_end_ins_code 
_struct_ref_seq.pdbx_db_accession 
_struct_ref_seq.db_align_beg 
_struct_ref_seq.pdbx_db_align_beg_ins_code 
_struct_ref_seq.db_align_end 
_struct_ref_seq.pdbx_db_align_end_ins_code 
_struct_ref_seq.pdbx_auth_seq_align_beg 
_struct_ref_seq.pdbx_auth_seq_align_end 
1 1 1H6J A 1 ? 245 ? P42216 1 ? 245 ? 1 245 
2 1 1H6J B 1 ? 245 ? P42216 1 ? 245 ? 1 245 
# 
_pdbx_struct_assembly.id                   1 
_pdbx_struct_assembly.details              author_and_software_defined_assembly 
_pdbx_struct_assembly.method_details       PQS 
_pdbx_struct_assembly.oligomeric_details   dimeric 
_pdbx_struct_assembly.oligomeric_count     2 
# 
_pdbx_struct_assembly_gen.assembly_id       1 
_pdbx_struct_assembly_gen.oper_expression   1 
_pdbx_struct_assembly_gen.asym_id_list      A,B 
# 
_pdbx_struct_oper_list.id                   1 
_pdbx_struct_oper_list.type                 'identity operation' 
_pdbx_struct_oper_list.name                 1_555 
_pdbx_struct_oper_list.symmetry_operation   x,y,z 
_pdbx_struct_oper_list.matrix[1][1]         1.0000000000 
_pdbx_struct_oper_list.matrix[1][2]         0.0000000000 
_pdbx_struct_oper_list.matrix[1][3]         0.0000000000 
_pdbx_struct_oper_list.vector[1]            0.0000000000 
_pdbx_struct_oper_list.matrix[2][1]         0.0000000000 
_pdbx_struct_oper_list.matrix[2][2]         1.0000000000 
_pdbx_struct_oper_list.matrix[2][3]         0.0000000000 
_pdbx_struct_oper_list.vector[2]            0.0000000000 
_pdbx_struct_oper_list.matrix[3][1]         0.0000000000 
_pdbx_struct_oper_list.matrix[3][2]         0.0000000000 
_pdbx_struct_oper_list.matrix[3][3]         1.0000000000 
_pdbx_struct_oper_list.vector[3]            0.0000000000 
# 
_struct_biol.id   1 
# 
loop_
_pdbx_unobs_or_zero_occ_residues.id 
_pdbx_unobs_or_zero_occ_residues.PDB_model_num 
_pdbx_unobs_or_zero_occ_residues.polymer_flag 
_pdbx_unobs_or_zero_occ_residues.occupancy_flag 
_pdbx_unobs_or_zero_occ_residues.auth_asym_id 
_pdbx_unobs_or_zero_occ_residues.auth_comp_id 
_pdbx_unobs_or_zero_occ_residues.auth_seq_id 
_pdbx_unobs_or_zero_occ_residues.PDB_ins_code 
_pdbx_unobs_or_zero_occ_residues.label_asym_id 
_pdbx_unobs_or_zero_occ_residues.label_comp_id 
_pdbx_unobs_or_zero_occ_residues.label_seq_id 
1 1 Y 1 A ALA 242 ? A ALA 242 
2 1 Y 1 A GLU 243 ? A GLU 243 
3 1 Y 1 A ASN 244 ? A ASN 244 
4 1 Y 1 A ALA 245 ? A ALA 245 
5 1 Y 1 B ALA 242 ? B ALA 242 
6 1 Y 1 B GLU 243 ? B GLU 243 
7 1 Y 1 B ASN 244 ? B ASN 244 
8 1 Y 1 B ALA 245 ? B ALA 245 
# 
loop_
_chem_comp_atom.comp_id 
_chem_comp_atom.atom_id 
_chem_comp_atom.type_symbol 
_chem_comp_atom.pdbx_aromatic_flag 
_chem_comp_atom.pdbx_stereo_config 
_chem_comp_atom.pdbx_ordinal 
ALA N    N N N 1   
ALA CA   C N S 2   
ALA C    C N N 3   
ALA O    O N N 4   
ALA CB   C N N 5   
ALA OXT  O N N 6   
ALA H    H N N 7   
ALA H2   H N N 8   
ALA HA   H N N 9   
ALA HB1  H N N 10  
ALA HB2  H N N 11  
ALA HB3  H N N 12  
ALA HXT  H N N 13  
ARG N    N N N 14  
ARG CA   C N S 15  
ARG C    C N N 16  
ARG O    O N N 17  
ARG CB   C N N 18  
ARG CG   C N N 19  
ARG CD   C N N 20  
ARG NE   N N N 21  
ARG CZ   C N N 22  
ARG NH1  N N N 23  
ARG NH2  N N N 24  
ARG OXT  O N N 25  
ARG H    H N N 26  
ARG H2   H N N 27  
ARG HA   H N N 28  
ARG HB2  H N N 29  
ARG HB3  H N N 30  
ARG HG2  H N N 31  
ARG HG3  H N N 32  
ARG HD2  H N N 33  
ARG HD3  H N N 34  
ARG HE   H N N 35  
ARG HH11 H N N 36  
ARG HH12 H N N 37  
ARG HH21 H N N 38  
ARG HH22 H N N 39  
ARG HXT  H N N 40  
ASN N    N N N 41  
ASN CA   C N S 42  
ASN C    C N N 43  
ASN O    O N N 44  
ASN CB   C N N 45  
ASN CG   C N N 46  
ASN OD1  O N N 47  
ASN ND2  N N N 48  
ASN OXT  O N N 49  
ASN H    H N N 50  
ASN H2   H N N 51  
ASN HA   H N N 52  
ASN HB2  H N N 53  
ASN HB3  H N N 54  
ASN HD21 H N N 55  
ASN HD22 H N N 56  
ASN HXT  H N N 57  
ASP N    N N N 58  
ASP CA   C N S 59  
ASP C    C N N 60  
ASP O    O N N 61  
ASP CB   C N N 62  
ASP CG   C N N 63  
ASP OD1  O N N 64  
ASP OD2  O N N 65  
ASP OXT  O N N 66  
ASP H    H N N 67  
ASP H2   H N N 68  
ASP HA   H N N 69  
ASP HB2  H N N 70  
ASP HB3  H N N 71  
ASP HD2  H N N 72  
ASP HXT  H N N 73  
CYS N    N N N 74  
CYS CA   C N R 75  
CYS C    C N N 76  
CYS O    O N N 77  
CYS CB   C N N 78  
CYS SG   S N N 79  
CYS OXT  O N N 80  
CYS H    H N N 81  
CYS H2   H N N 82  
CYS HA   H N N 83  
CYS HB2  H N N 84  
CYS HB3  H N N 85  
CYS HG   H N N 86  
CYS HXT  H N N 87  
GLN N    N N N 88  
GLN CA   C N S 89  
GLN C    C N N 90  
GLN O    O N N 91  
GLN CB   C N N 92  
GLN CG   C N N 93  
GLN CD   C N N 94  
GLN OE1  O N N 95  
GLN NE2  N N N 96  
GLN OXT  O N N 97  
GLN H    H N N 98  
GLN H2   H N N 99  
GLN HA   H N N 100 
GLN HB2  H N N 101 
GLN HB3  H N N 102 
GLN HG2  H N N 103 
GLN HG3  H N N 104 
GLN HE21 H N N 105 
GLN HE22 H N N 106 
GLN HXT  H N N 107 
GLU N    N N N 108 
GLU CA   C N S 109 
GLU C    C N N 110 
GLU O    O N N 111 
GLU CB   C N N 112 
GLU CG   C N N 113 
GLU CD   C N N 114 
GLU OE1  O N N 115 
GLU OE2  O N N 116 
GLU OXT  O N N 117 
GLU H    H N N 118 
GLU H2   H N N 119 
GLU HA   H N N 120 
GLU HB2  H N N 121 
GLU HB3  H N N 122 
GLU HG2  H N N 123 
GLU HG3  H N N 124 
GLU HE2  H N N 125 
GLU HXT  H N N 126 
GLY N    N N N 127 
GLY CA   C N N 128 
GLY C    C N N 129 
GLY O    O N N 130 
GLY OXT  O N N 131 
GLY H    H N N 132 
GLY H2   H N N 133 
GLY HA2  H N N 134 
GLY HA3  H N N 135 
GLY HXT  H N N 136 
HIS N    N N N 137 
HIS CA   C N S 138 
HIS C    C N N 139 
HIS O    O N N 140 
HIS CB   C N N 141 
HIS CG   C Y N 142 
HIS ND1  N Y N 143 
HIS CD2  C Y N 144 
HIS CE1  C Y N 145 
HIS NE2  N Y N 146 
HIS OXT  O N N 147 
HIS H    H N N 148 
HIS H2   H N N 149 
HIS HA   H N N 150 
HIS HB2  H N N 151 
HIS HB3  H N N 152 
HIS HD1  H N N 153 
HIS HD2  H N N 154 
HIS HE1  H N N 155 
HIS HE2  H N N 156 
HIS HXT  H N N 157 
ILE N    N N N 158 
ILE CA   C N S 159 
ILE C    C N N 160 
ILE O    O N N 161 
ILE CB   C N S 162 
ILE CG1  C N N 163 
ILE CG2  C N N 164 
ILE CD1  C N N 165 
ILE OXT  O N N 166 
ILE H    H N N 167 
ILE H2   H N N 168 
ILE HA   H N N 169 
ILE HB   H N N 170 
ILE HG12 H N N 171 
ILE HG13 H N N 172 
ILE HG21 H N N 173 
ILE HG22 H N N 174 
ILE HG23 H N N 175 
ILE HD11 H N N 176 
ILE HD12 H N N 177 
ILE HD13 H N N 178 
ILE HXT  H N N 179 
LEU N    N N N 180 
LEU CA   C N S 181 
LEU C    C N N 182 
LEU O    O N N 183 
LEU CB   C N N 184 
LEU CG   C N N 185 
LEU CD1  C N N 186 
LEU CD2  C N N 187 
LEU OXT  O N N 188 
LEU H    H N N 189 
LEU H2   H N N 190 
LEU HA   H N N 191 
LEU HB2  H N N 192 
LEU HB3  H N N 193 
LEU HG   H N N 194 
LEU HD11 H N N 195 
LEU HD12 H N N 196 
LEU HD13 H N N 197 
LEU HD21 H N N 198 
LEU HD22 H N N 199 
LEU HD23 H N N 200 
LEU HXT  H N N 201 
LYS N    N N N 202 
LYS CA   C N S 203 
LYS C    C N N 204 
LYS O    O N N 205 
LYS CB   C N N 206 
LYS CG   C N N 207 
LYS CD   C N N 208 
LYS CE   C N N 209 
LYS NZ   N N N 210 
LYS OXT  O N N 211 
LYS H    H N N 212 
LYS H2   H N N 213 
LYS HA   H N N 214 
LYS HB2  H N N 215 
LYS HB3  H N N 216 
LYS HG2  H N N 217 
LYS HG3  H N N 218 
LYS HD2  H N N 219 
LYS HD3  H N N 220 
LYS HE2  H N N 221 
LYS HE3  H N N 222 
LYS HZ1  H N N 223 
LYS HZ2  H N N 224 
LYS HZ3  H N N 225 
LYS HXT  H N N 226 
MET N    N N N 227 
MET CA   C N S 228 
MET C    C N N 229 
MET O    O N N 230 
MET CB   C N N 231 
MET CG   C N N 232 
MET SD   S N N 233 
MET CE   C N N 234 
MET OXT  O N N 235 
MET H    H N N 236 
MET H2   H N N 237 
MET HA   H N N 238 
MET HB2  H N N 239 
MET HB3  H N N 240 
MET HG2  H N N 241 
MET HG3  H N N 242 
MET HE1  H N N 243 
MET HE2  H N N 244 
MET HE3  H N N 245 
MET HXT  H N N 246 
PHE N    N N N 247 
PHE CA   C N S 248 
PHE C    C N N 249 
PHE O    O N N 250 
PHE CB   C N N 251 
PHE CG   C Y N 252 
PHE CD1  C Y N 253 
PHE CD2  C Y N 254 
PHE CE1  C Y N 255 
PHE CE2  C Y N 256 
PHE CZ   C Y N 257 
PHE OXT  O N N 258 
PHE H    H N N 259 
PHE H2   H N N 260 
PHE HA   H N N 261 
PHE HB2  H N N 262 
PHE HB3  H N N 263 
PHE HD1  H N N 264 
PHE HD2  H N N 265 
PHE HE1  H N N 266 
PHE HE2  H N N 267 
PHE HZ   H N N 268 
PHE HXT  H N N 269 
PRO N    N N N 270 
PRO CA   C N S 271 
PRO C    C N N 272 
PRO O    O N N 273 
PRO CB   C N N 274 
PRO CG   C N N 275 
PRO CD   C N N 276 
PRO OXT  O N N 277 
PRO H    H N N 278 
PRO HA   H N N 279 
PRO HB2  H N N 280 
PRO HB3  H N N 281 
PRO HG2  H N N 282 
PRO HG3  H N N 283 
PRO HD2  H N N 284 
PRO HD3  H N N 285 
PRO HXT  H N N 286 
SER N    N N N 287 
SER CA   C N S 288 
SER C    C N N 289 
SER O    O N N 290 
SER CB   C N N 291 
SER OG   O N N 292 
SER OXT  O N N 293 
SER H    H N N 294 
SER H2   H N N 295 
SER HA   H N N 296 
SER HB2  H N N 297 
SER HB3  H N N 298 
SER HG   H N N 299 
SER HXT  H N N 300 
THR N    N N N 301 
THR CA   C N S 302 
THR C    C N N 303 
THR O    O N N 304 
THR CB   C N R 305 
THR OG1  O N N 306 
THR CG2  C N N 307 
THR OXT  O N N 308 
THR H    H N N 309 
THR H2   H N N 310 
THR HA   H N N 311 
THR HB   H N N 312 
THR HG1  H N N 313 
THR HG21 H N N 314 
THR HG22 H N N 315 
THR HG23 H N N 316 
THR HXT  H N N 317 
TRP N    N N N 318 
TRP CA   C N S 319 
TRP C    C N N 320 
TRP O    O N N 321 
TRP CB   C N N 322 
TRP CG   C Y N 323 
TRP CD1  C Y N 324 
TRP CD2  C Y N 325 
TRP NE1  N Y N 326 
TRP CE2  C Y N 327 
TRP CE3  C Y N 328 
TRP CZ2  C Y N 329 
TRP CZ3  C Y N 330 
TRP CH2  C Y N 331 
TRP OXT  O N N 332 
TRP H    H N N 333 
TRP H2   H N N 334 
TRP HA   H N N 335 
TRP HB2  H N N 336 
TRP HB3  H N N 337 
TRP HD1  H N N 338 
TRP HE1  H N N 339 
TRP HE3  H N N 340 
TRP HZ2  H N N 341 
TRP HZ3  H N N 342 
TRP HH2  H N N 343 
TRP HXT  H N N 344 
TYR N    N N N 345 
TYR CA   C N S 346 
TYR C    C N N 347 
TYR O    O N N 348 
TYR CB   C N N 349 
TYR CG   C Y N 350 
TYR CD1  C Y N 351 
TYR CD2  C Y N 352 
TYR CE1  C Y N 353 
TYR CE2  C Y N 354 
TYR CZ   C Y N 355 
TYR OH   O N N 356 
TYR OXT  O N N 357 
TYR H    H N N 358 
TYR H2   H N N 359 
TYR HA   H N N 360 
TYR HB2  H N N 361 
TYR HB3  H N N 362 
TYR HD1  H N N 363 
TYR HD2  H N N 364 
TYR HE1  H N N 365 
TYR HE2  H N N 366 
TYR HH   H N N 367 
TYR HXT  H N N 368 
VAL N    N N N 369 
VAL CA   C N S 370 
VAL C    C N N 371 
VAL O    O N N 372 
VAL CB   C N N 373 
VAL CG1  C N N 374 
VAL CG2  C N N 375 
VAL OXT  O N N 376 
VAL H    H N N 377 
VAL H2   H N N 378 
VAL HA   H N N 379 
VAL HB   H N N 380 
VAL HG11 H N N 381 
VAL HG12 H N N 382 
VAL HG13 H N N 383 
VAL HG21 H N N 384 
VAL HG22 H N N 385 
VAL HG23 H N N 386 
VAL HXT  H N N 387 
# 
loop_
_chem_comp_bond.comp_id 
_chem_comp_bond.atom_id_1 
_chem_comp_bond.atom_id_2 
_chem_comp_bond.value_order 
_chem_comp_bond.pdbx_aromatic_flag 
_chem_comp_bond.pdbx_stereo_config 
_chem_comp_bond.pdbx_ordinal 
ALA N   CA   sing N N 1   
ALA N   H    sing N N 2   
ALA N   H2   sing N N 3   
ALA CA  C    sing N N 4   
ALA CA  CB   sing N N 5   
ALA CA  HA   sing N N 6   
ALA C   O    doub N N 7   
ALA C   OXT  sing N N 8   
ALA CB  HB1  sing N N 9   
ALA CB  HB2  sing N N 10  
ALA CB  HB3  sing N N 11  
ALA OXT HXT  sing N N 12  
ARG N   CA   sing N N 13  
ARG N   H    sing N N 14  
ARG N   H2   sing N N 15  
ARG CA  C    sing N N 16  
ARG CA  CB   sing N N 17  
ARG CA  HA   sing N N 18  
ARG C   O    doub N N 19  
ARG C   OXT  sing N N 20  
ARG CB  CG   sing N N 21  
ARG CB  HB2  sing N N 22  
ARG CB  HB3  sing N N 23  
ARG CG  CD   sing N N 24  
ARG CG  HG2  sing N N 25  
ARG CG  HG3  sing N N 26  
ARG CD  NE   sing N N 27  
ARG CD  HD2  sing N N 28  
ARG CD  HD3  sing N N 29  
ARG NE  CZ   sing N N 30  
ARG NE  HE   sing N N 31  
ARG CZ  NH1  sing N N 32  
ARG CZ  NH2  doub N N 33  
ARG NH1 HH11 sing N N 34  
ARG NH1 HH12 sing N N 35  
ARG NH2 HH21 sing N N 36  
ARG NH2 HH22 sing N N 37  
ARG OXT HXT  sing N N 38  
ASN N   CA   sing N N 39  
ASN N   H    sing N N 40  
ASN N   H2   sing N N 41  
ASN CA  C    sing N N 42  
ASN CA  CB   sing N N 43  
ASN CA  HA   sing N N 44  
ASN C   O    doub N N 45  
ASN C   OXT  sing N N 46  
ASN CB  CG   sing N N 47  
ASN CB  HB2  sing N N 48  
ASN CB  HB3  sing N N 49  
ASN CG  OD1  doub N N 50  
ASN CG  ND2  sing N N 51  
ASN ND2 HD21 sing N N 52  
ASN ND2 HD22 sing N N 53  
ASN OXT HXT  sing N N 54  
ASP N   CA   sing N N 55  
ASP N   H    sing N N 56  
ASP N   H2   sing N N 57  
ASP CA  C    sing N N 58  
ASP CA  CB   sing N N 59  
ASP CA  HA   sing N N 60  
ASP C   O    doub N N 61  
ASP C   OXT  sing N N 62  
ASP CB  CG   sing N N 63  
ASP CB  HB2  sing N N 64  
ASP CB  HB3  sing N N 65  
ASP CG  OD1  doub N N 66  
ASP CG  OD2  sing N N 67  
ASP OD2 HD2  sing N N 68  
ASP OXT HXT  sing N N 69  
CYS N   CA   sing N N 70  
CYS N   H    sing N N 71  
CYS N   H2   sing N N 72  
CYS CA  C    sing N N 73  
CYS CA  CB   sing N N 74  
CYS CA  HA   sing N N 75  
CYS C   O    doub N N 76  
CYS C   OXT  sing N N 77  
CYS CB  SG   sing N N 78  
CYS CB  HB2  sing N N 79  
CYS CB  HB3  sing N N 80  
CYS SG  HG   sing N N 81  
CYS OXT HXT  sing N N 82  
GLN N   CA   sing N N 83  
GLN N   H    sing N N 84  
GLN N   H2   sing N N 85  
GLN CA  C    sing N N 86  
GLN CA  CB   sing N N 87  
GLN CA  HA   sing N N 88  
GLN C   O    doub N N 89  
GLN C   OXT  sing N N 90  
GLN CB  CG   sing N N 91  
GLN CB  HB2  sing N N 92  
GLN CB  HB3  sing N N 93  
GLN CG  CD   sing N N 94  
GLN CG  HG2  sing N N 95  
GLN CG  HG3  sing N N 96  
GLN CD  OE1  doub N N 97  
GLN CD  NE2  sing N N 98  
GLN NE2 HE21 sing N N 99  
GLN NE2 HE22 sing N N 100 
GLN OXT HXT  sing N N 101 
GLU N   CA   sing N N 102 
GLU N   H    sing N N 103 
GLU N   H2   sing N N 104 
GLU CA  C    sing N N 105 
GLU CA  CB   sing N N 106 
GLU CA  HA   sing N N 107 
GLU C   O    doub N N 108 
GLU C   OXT  sing N N 109 
GLU CB  CG   sing N N 110 
GLU CB  HB2  sing N N 111 
GLU CB  HB3  sing N N 112 
GLU CG  CD   sing N N 113 
GLU CG  HG2  sing N N 114 
GLU CG  HG3  sing N N 115 
GLU CD  OE1  doub N N 116 
GLU CD  OE2  sing N N 117 
GLU OE2 HE2  sing N N 118 
GLU OXT HXT  sing N N 119 
GLY N   CA   sing N N 120 
GLY N   H    sing N N 121 
GLY N   H2   sing N N 122 
GLY CA  C    sing N N 123 
GLY CA  HA2  sing N N 124 
GLY CA  HA3  sing N N 125 
GLY C   O    doub N N 126 
GLY C   OXT  sing N N 127 
GLY OXT HXT  sing N N 128 
HIS N   CA   sing N N 129 
HIS N   H    sing N N 130 
HIS N   H2   sing N N 131 
HIS CA  C    sing N N 132 
HIS CA  CB   sing N N 133 
HIS CA  HA   sing N N 134 
HIS C   O    doub N N 135 
HIS C   OXT  sing N N 136 
HIS CB  CG   sing N N 137 
HIS CB  HB2  sing N N 138 
HIS CB  HB3  sing N N 139 
HIS CG  ND1  sing Y N 140 
HIS CG  CD2  doub Y N 141 
HIS ND1 CE1  doub Y N 142 
HIS ND1 HD1  sing N N 143 
HIS CD2 NE2  sing Y N 144 
HIS CD2 HD2  sing N N 145 
HIS CE1 NE2  sing Y N 146 
HIS CE1 HE1  sing N N 147 
HIS NE2 HE2  sing N N 148 
HIS OXT HXT  sing N N 149 
ILE N   CA   sing N N 150 
ILE N   H    sing N N 151 
ILE N   H2   sing N N 152 
ILE CA  C    sing N N 153 
ILE CA  CB   sing N N 154 
ILE CA  HA   sing N N 155 
ILE C   O    doub N N 156 
ILE C   OXT  sing N N 157 
ILE CB  CG1  sing N N 158 
ILE CB  CG2  sing N N 159 
ILE CB  HB   sing N N 160 
ILE CG1 CD1  sing N N 161 
ILE CG1 HG12 sing N N 162 
ILE CG1 HG13 sing N N 163 
ILE CG2 HG21 sing N N 164 
ILE CG2 HG22 sing N N 165 
ILE CG2 HG23 sing N N 166 
ILE CD1 HD11 sing N N 167 
ILE CD1 HD12 sing N N 168 
ILE CD1 HD13 sing N N 169 
ILE OXT HXT  sing N N 170 
LEU N   CA   sing N N 171 
LEU N   H    sing N N 172 
LEU N   H2   sing N N 173 
LEU CA  C    sing N N 174 
LEU CA  CB   sing N N 175 
LEU CA  HA   sing N N 176 
LEU C   O    doub N N 177 
LEU C   OXT  sing N N 178 
LEU CB  CG   sing N N 179 
LEU CB  HB2  sing N N 180 
LEU CB  HB3  sing N N 181 
LEU CG  CD1  sing N N 182 
LEU CG  CD2  sing N N 183 
LEU CG  HG   sing N N 184 
LEU CD1 HD11 sing N N 185 
LEU CD1 HD12 sing N N 186 
LEU CD1 HD13 sing N N 187 
LEU CD2 HD21 sing N N 188 
LEU CD2 HD22 sing N N 189 
LEU CD2 HD23 sing N N 190 
LEU OXT HXT  sing N N 191 
LYS N   CA   sing N N 192 
LYS N   H    sing N N 193 
LYS N   H2   sing N N 194 
LYS CA  C    sing N N 195 
LYS CA  CB   sing N N 196 
LYS CA  HA   sing N N 197 
LYS C   O    doub N N 198 
LYS C   OXT  sing N N 199 
LYS CB  CG   sing N N 200 
LYS CB  HB2  sing N N 201 
LYS CB  HB3  sing N N 202 
LYS CG  CD   sing N N 203 
LYS CG  HG2  sing N N 204 
LYS CG  HG3  sing N N 205 
LYS CD  CE   sing N N 206 
LYS CD  HD2  sing N N 207 
LYS CD  HD3  sing N N 208 
LYS CE  NZ   sing N N 209 
LYS CE  HE2  sing N N 210 
LYS CE  HE3  sing N N 211 
LYS NZ  HZ1  sing N N 212 
LYS NZ  HZ2  sing N N 213 
LYS NZ  HZ3  sing N N 214 
LYS OXT HXT  sing N N 215 
MET N   CA   sing N N 216 
MET N   H    sing N N 217 
MET N   H2   sing N N 218 
MET CA  C    sing N N 219 
MET CA  CB   sing N N 220 
MET CA  HA   sing N N 221 
MET C   O    doub N N 222 
MET C   OXT  sing N N 223 
MET CB  CG   sing N N 224 
MET CB  HB2  sing N N 225 
MET CB  HB3  sing N N 226 
MET CG  SD   sing N N 227 
MET CG  HG2  sing N N 228 
MET CG  HG3  sing N N 229 
MET SD  CE   sing N N 230 
MET CE  HE1  sing N N 231 
MET CE  HE2  sing N N 232 
MET CE  HE3  sing N N 233 
MET OXT HXT  sing N N 234 
PHE N   CA   sing N N 235 
PHE N   H    sing N N 236 
PHE N   H2   sing N N 237 
PHE CA  C    sing N N 238 
PHE CA  CB   sing N N 239 
PHE CA  HA   sing N N 240 
PHE C   O    doub N N 241 
PHE C   OXT  sing N N 242 
PHE CB  CG   sing N N 243 
PHE CB  HB2  sing N N 244 
PHE CB  HB3  sing N N 245 
PHE CG  CD1  doub Y N 246 
PHE CG  CD2  sing Y N 247 
PHE CD1 CE1  sing Y N 248 
PHE CD1 HD1  sing N N 249 
PHE CD2 CE2  doub Y N 250 
PHE CD2 HD2  sing N N 251 
PHE CE1 CZ   doub Y N 252 
PHE CE1 HE1  sing N N 253 
PHE CE2 CZ   sing Y N 254 
PHE CE2 HE2  sing N N 255 
PHE CZ  HZ   sing N N 256 
PHE OXT HXT  sing N N 257 
PRO N   CA   sing N N 258 
PRO N   CD   sing N N 259 
PRO N   H    sing N N 260 
PRO CA  C    sing N N 261 
PRO CA  CB   sing N N 262 
PRO CA  HA   sing N N 263 
PRO C   O    doub N N 264 
PRO C   OXT  sing N N 265 
PRO CB  CG   sing N N 266 
PRO CB  HB2  sing N N 267 
PRO CB  HB3  sing N N 268 
PRO CG  CD   sing N N 269 
PRO CG  HG2  sing N N 270 
PRO CG  HG3  sing N N 271 
PRO CD  HD2  sing N N 272 
PRO CD  HD3  sing N N 273 
PRO OXT HXT  sing N N 274 
SER N   CA   sing N N 275 
SER N   H    sing N N 276 
SER N   H2   sing N N 277 
SER CA  C    sing N N 278 
SER CA  CB   sing N N 279 
SER CA  HA   sing N N 280 
SER C   O    doub N N 281 
SER C   OXT  sing N N 282 
SER CB  OG   sing N N 283 
SER CB  HB2  sing N N 284 
SER CB  HB3  sing N N 285 
SER OG  HG   sing N N 286 
SER OXT HXT  sing N N 287 
THR N   CA   sing N N 288 
THR N   H    sing N N 289 
THR N   H2   sing N N 290 
THR CA  C    sing N N 291 
THR CA  CB   sing N N 292 
THR CA  HA   sing N N 293 
THR C   O    doub N N 294 
THR C   OXT  sing N N 295 
THR CB  OG1  sing N N 296 
THR CB  CG2  sing N N 297 
THR CB  HB   sing N N 298 
THR OG1 HG1  sing N N 299 
THR CG2 HG21 sing N N 300 
THR CG2 HG22 sing N N 301 
THR CG2 HG23 sing N N 302 
THR OXT HXT  sing N N 303 
TRP N   CA   sing N N 304 
TRP N   H    sing N N 305 
TRP N   H2   sing N N 306 
TRP CA  C    sing N N 307 
TRP CA  CB   sing N N 308 
TRP CA  HA   sing N N 309 
TRP C   O    doub N N 310 
TRP C   OXT  sing N N 311 
TRP CB  CG   sing N N 312 
TRP CB  HB2  sing N N 313 
TRP CB  HB3  sing N N 314 
TRP CG  CD1  doub Y N 315 
TRP CG  CD2  sing Y N 316 
TRP CD1 NE1  sing Y N 317 
TRP CD1 HD1  sing N N 318 
TRP CD2 CE2  doub Y N 319 
TRP CD2 CE3  sing Y N 320 
TRP NE1 CE2  sing Y N 321 
TRP NE1 HE1  sing N N 322 
TRP CE2 CZ2  sing Y N 323 
TRP CE3 CZ3  doub Y N 324 
TRP CE3 HE3  sing N N 325 
TRP CZ2 CH2  doub Y N 326 
TRP CZ2 HZ2  sing N N 327 
TRP CZ3 CH2  sing Y N 328 
TRP CZ3 HZ3  sing N N 329 
TRP CH2 HH2  sing N N 330 
TRP OXT HXT  sing N N 331 
TYR N   CA   sing N N 332 
TYR N   H    sing N N 333 
TYR N   H2   sing N N 334 
TYR CA  C    sing N N 335 
TYR CA  CB   sing N N 336 
TYR CA  HA   sing N N 337 
TYR C   O    doub N N 338 
TYR C   OXT  sing N N 339 
TYR CB  CG   sing N N 340 
TYR CB  HB2  sing N N 341 
TYR CB  HB3  sing N N 342 
TYR CG  CD1  doub Y N 343 
TYR CG  CD2  sing Y N 344 
TYR CD1 CE1  sing Y N 345 
TYR CD1 HD1  sing N N 346 
TYR CD2 CE2  doub Y N 347 
TYR CD2 HD2  sing N N 348 
TYR CE1 CZ   doub Y N 349 
TYR CE1 HE1  sing N N 350 
TYR CE2 CZ   sing Y N 351 
TYR CE2 HE2  sing N N 352 
TYR CZ  OH   sing N N 353 
TYR OH  HH   sing N N 354 
TYR OXT HXT  sing N N 355 
VAL N   CA   sing N N 356 
VAL N   H    sing N N 357 
VAL N   H2   sing N N 358 
VAL CA  C    sing N N 359 
VAL CA  CB   sing N N 360 
VAL CA  HA   sing N N 361 
VAL C   O    doub N N 362 
VAL C   OXT  sing N N 363 
VAL CB  CG1  sing N N 364 
VAL CB  CG2  sing N N 365 
VAL CB  HB   sing N N 366 
VAL CG1 HG11 sing N N 367 
VAL CG1 HG12 sing N N 368 
VAL CG1 HG13 sing N N 369 
VAL CG2 HG21 sing N N 370 
VAL CG2 HG22 sing N N 371 
VAL CG2 HG23 sing N N 372 
VAL OXT HXT  sing N N 373 
# 
loop_
_pdbx_coordinate_model.asym_id 
_pdbx_coordinate_model.type 
A 'CA ATOMS ONLY' 
B 'CA ATOMS ONLY' 
# 
_atom_sites.entry_id                    1H6J 
_atom_sites.fract_transf_matrix[1][1]   -0.01495696 
_atom_sites.fract_transf_matrix[1][2]   0.01396715 
_atom_sites.fract_transf_matrix[1][3]   0.00866849 
_atom_sites.fract_transf_matrix[2][1]   -0.00089444 
_atom_sites.fract_transf_matrix[2][2]   -0.00459096 
_atom_sites.fract_transf_matrix[2][3]   0.00585390 
_atom_sites.fract_transf_matrix[3][1]   0.01201386 
_atom_sites.fract_transf_matrix[3][2]   0.01280040 
_atom_sites.fract_transf_matrix[3][3]   0.01187445 
_atom_sites.fract_transf_vector[1]      0.975432 
_atom_sites.fract_transf_vector[2]      0.538625 
_atom_sites.fract_transf_vector[3]      1.283573 
# 
_atom_type.symbol   C 
# 
loop_
_atom_site.group_PDB 
_atom_site.id 
_atom_site.type_symbol 
_atom_site.label_atom_id 
_atom_site.label_alt_id 
_atom_site.label_comp_id 
_atom_site.label_asym_id 
_atom_site.label_entity_id 
_atom_site.label_seq_id 
_atom_site.pdbx_PDB_ins_code 
_atom_site.Cartn_x 
_atom_site.Cartn_y 
_atom_site.Cartn_z 
_atom_site.occupancy 
_atom_site.B_iso_or_equiv 
_atom_site.pdbx_formal_charge 
_atom_site.auth_seq_id 
_atom_site.auth_comp_id 
_atom_site.auth_asym_id 
_atom_site.auth_atom_id 
_atom_site.pdbx_PDB_model_num 
ATOM 1   C CA . SER A 1 1   ? -5.286  -8.998  28.600  1.00 29.48 ? 1   SER A CA 1 
ATOM 2   C CA . LYS A 1 2   ? -2.140  -10.966 29.413  1.00 18.03 ? 2   LYS A CA 1 
ATOM 3   C CA . ALA A 1 3   ? 0.761   -9.727  27.310  1.00 7.33  ? 3   ALA A CA 1 
ATOM 4   C CA . VAL A 1 4   ? 4.081   -11.519 27.029  1.00 5.46  ? 4   VAL A CA 1 
ATOM 5   C CA . ILE A 1 5   ? 7.342   -10.382 25.417  1.00 2.60  ? 5   ILE A CA 1 
ATOM 6   C CA . VAL A 1 6   ? 9.371   -12.830 23.345  1.00 4.94  ? 6   VAL A CA 1 
ATOM 7   C CA . ILE A 1 7   ? 12.946  -12.122 22.284  1.00 5.50  ? 7   ILE A CA 1 
ATOM 8   C CA . PRO A 1 8   ? 14.108  -14.393 19.490  1.00 9.58  ? 8   PRO A CA 1 
ATOM 9   C CA . ALA A 1 9   ? 17.857  -14.920 19.747  1.00 22.23 ? 9   ALA A CA 1 
ATOM 10  C CA . ARG A 1 10  ? 19.480  -17.269 17.276  1.00 29.68 ? 10  ARG A CA 1 
ATOM 11  C CA . TYR A 1 11  ? 23.264  -17.525 17.742  1.00 34.76 ? 11  TYR A CA 1 
ATOM 12  C CA . GLY A 1 12  ? 24.748  -17.147 14.260  1.00 44.39 ? 12  GLY A CA 1 
ATOM 13  C CA . SER A 1 13  ? 24.666  -13.771 12.528  1.00 47.49 ? 13  SER A CA 1 
ATOM 14  C CA . SER A 1 14  ? 26.096  -12.895 9.114   1.00 49.39 ? 14  SER A CA 1 
ATOM 15  C CA . ARG A 1 15  ? 28.780  -10.368 10.081  1.00 45.57 ? 15  ARG A CA 1 
ATOM 16  C CA . LEU A 1 16  ? 28.644  -11.408 13.755  1.00 32.64 ? 16  LEU A CA 1 
ATOM 17  C CA . PRO A 1 17  ? 28.760  -15.043 14.932  1.00 42.96 ? 17  PRO A CA 1 
ATOM 18  C CA . GLY A 1 18  ? 27.318  -15.533 18.424  1.00 37.98 ? 18  GLY A CA 1 
ATOM 19  C CA . LYS A 1 19  ? 25.761  -12.112 18.151  1.00 21.37 ? 19  LYS A CA 1 
ATOM 20  C CA . PRO A 1 20  ? 23.362  -12.336 21.129  1.00 15.72 ? 20  PRO A CA 1 
ATOM 21  C CA . LEU A 1 21  ? 26.394  -13.091 23.327  1.00 16.92 ? 21  LEU A CA 1 
ATOM 22  C CA . LEU A 1 22  ? 28.508  -10.145 22.138  1.00 22.31 ? 22  LEU A CA 1 
ATOM 23  C CA . ASP A 1 23  ? 29.674  -8.029  25.043  1.00 28.46 ? 23  ASP A CA 1 
ATOM 24  C CA . ILE A 1 24  ? 28.347  -4.507  25.260  1.00 20.48 ? 24  ILE A CA 1 
ATOM 25  C CA . VAL A 1 25  ? 29.784  -2.817  28.379  1.00 27.25 ? 25  VAL A CA 1 
ATOM 26  C CA . GLY A 1 26  ? 29.979  -5.805  30.723  1.00 28.56 ? 26  GLY A CA 1 
ATOM 27  C CA . LYS A 1 27  ? 26.712  -7.491  29.669  1.00 19.31 ? 27  LYS A CA 1 
ATOM 28  C CA . PRO A 1 28  ? 25.926  -9.715  26.673  1.00 19.20 ? 28  PRO A CA 1 
ATOM 29  C CA . MET A 1 29  ? 23.755  -8.039  24.050  1.00 11.82 ? 29  MET A CA 1 
ATOM 30  C CA . ILE A 1 30  ? 20.801  -10.337 24.892  1.00 7.39  ? 30  ILE A CA 1 
ATOM 31  C CA . GLN A 1 31  ? 20.925  -9.350  28.567  1.00 7.76  ? 31  GLN A CA 1 
ATOM 32  C CA . HIS A 1 32  ? 20.576  -5.667  27.656  1.00 10.08 ? 32  HIS A CA 1 
ATOM 33  C CA . VAL A 1 33  ? 17.471  -6.391  25.594  1.00 8.67  ? 33  VAL A CA 1 
ATOM 34  C CA . TYR A 1 34  ? 16.132  -8.621  28.376  1.00 10.58 ? 34  TYR A CA 1 
ATOM 35  C CA . GLU A 1 35  ? 16.600  -5.996  31.062  1.00 11.07 ? 35  GLU A CA 1 
ATOM 36  C CA . ARG A 1 36  ? 14.853  -3.328  29.027  1.00 10.84 ? 36  ARG A CA 1 
ATOM 37  C CA . ALA A 1 37  ? 12.021  -5.711  28.206  1.00 7.61  ? 37  ALA A CA 1 
ATOM 38  C CA . LEU A 1 38  ? 11.621  -6.089  31.995  1.00 11.08 ? 38  LEU A CA 1 
ATOM 39  C CA . GLN A 1 39  ? 10.892  -2.363  32.372  1.00 11.19 ? 39  GLN A CA 1 
ATOM 40  C CA . VAL A 1 40  ? 7.796   -2.538  30.169  1.00 11.05 ? 40  VAL A CA 1 
ATOM 41  C CA . ALA A 1 41  ? 4.707   -1.972  32.257  1.00 16.50 ? 41  ALA A CA 1 
ATOM 42  C CA . GLY A 1 42  ? 1.864   -4.403  31.641  1.00 21.22 ? 42  GLY A CA 1 
ATOM 43  C CA . VAL A 1 43  ? 3.891   -7.338  30.407  1.00 9.37  ? 43  VAL A CA 1 
ATOM 44  C CA . ALA A 1 44  ? 3.420   -10.524 32.412  1.00 6.93  ? 44  ALA A CA 1 
ATOM 45  C CA . GLU A 1 45  ? 6.484   -12.442 31.218  1.00 7.29  ? 45  GLU A CA 1 
ATOM 46  C CA . VAL A 1 46  ? 9.602   -11.988 29.090  1.00 2.56  ? 46  VAL A CA 1 
ATOM 47  C CA . TRP A 1 47  ? 11.122  -14.935 27.263  1.00 2.28  ? 47  TRP A CA 1 
ATOM 48  C CA . VAL A 1 48  ? 14.049  -15.453 24.956  1.00 7.46  ? 48  VAL A CA 1 
ATOM 49  C CA . ALA A 1 49  ? 13.322  -17.943 22.158  1.00 4.14  ? 49  ALA A CA 1 
ATOM 50  C CA . THR A 1 50  ? 16.563  -19.584 21.051  1.00 17.02 ? 50  THR A CA 1 
ATOM 51  C CA . ASP A 1 51  ? 17.737  -22.449 18.905  1.00 26.94 ? 51  ASP A CA 1 
ATOM 52  C CA . ASP A 1 52  ? 21.158  -22.761 20.562  1.00 25.22 ? 52  ASP A CA 1 
ATOM 53  C CA . PRO A 1 53  ? 22.004  -24.126 24.055  1.00 23.67 ? 53  PRO A CA 1 
ATOM 54  C CA . ARG A 1 54  ? 24.817  -21.569 24.431  1.00 24.10 ? 54  ARG A CA 1 
ATOM 55  C CA . VAL A 1 55  ? 22.283  -18.763 24.337  1.00 16.23 ? 55  VAL A CA 1 
ATOM 56  C CA . GLU A 1 56  ? 19.872  -20.659 26.571  1.00 12.80 ? 56  GLU A CA 1 
ATOM 57  C CA . GLN A 1 57  ? 22.593  -21.225 29.144  1.00 26.70 ? 57  GLN A CA 1 
ATOM 58  C CA . ALA A 1 58  ? 23.678  -17.607 28.976  1.00 13.67 ? 58  ALA A CA 1 
ATOM 59  C CA . VAL A 1 59  ? 20.144  -16.392 29.557  1.00 12.08 ? 59  VAL A CA 1 
ATOM 60  C CA . GLN A 1 60  ? 19.561  -18.712 32.490  1.00 21.77 ? 60  GLN A CA 1 
ATOM 61  C CA . ALA A 1 61  ? 22.985  -17.616 33.678  1.00 22.51 ? 61  ALA A CA 1 
ATOM 62  C CA . PHE A 1 62  ? 21.622  -14.094 34.158  1.00 8.81  ? 62  PHE A CA 1 
ATOM 63  C CA . GLY A 1 63  ? 18.345  -15.503 35.429  1.00 14.04 ? 63  GLY A CA 1 
ATOM 64  C CA . GLY A 1 64  ? 16.248  -14.965 32.365  1.00 17.66 ? 64  GLY A CA 1 
ATOM 65  C CA . LYS A 1 65  ? 13.553  -17.226 30.967  1.00 15.61 ? 65  LYS A CA 1 
ATOM 66  C CA . ALA A 1 66  ? 14.719  -19.084 27.887  1.00 6.40  ? 66  ALA A CA 1 
ATOM 67  C CA . ILE A 1 67  ? 12.736  -21.427 25.627  1.00 12.21 ? 67  ILE A CA 1 
ATOM 68  C CA . MET A 1 68  ? 14.338  -23.740 23.068  1.00 19.41 ? 68  MET A CA 1 
ATOM 69  C CA . THR A 1 69  ? 12.922  -23.768 19.582  1.00 19.08 ? 69  THR A CA 1 
ATOM 70  C CA . ARG A 1 70  ? 13.498  -25.522 16.267  1.00 24.55 ? 70  ARG A CA 1 
ATOM 71  C CA . ASN A 1 71  ? 16.533  -24.292 14.348  1.00 35.46 ? 71  ASN A CA 1 
ATOM 72  C CA . ASP A 1 72  ? 14.840  -24.954 11.001  1.00 36.89 ? 72  ASP A CA 1 
ATOM 73  C CA . HIS A 1 73  ? 12.636  -21.854 11.204  1.00 30.37 ? 73  HIS A CA 1 
ATOM 74  C CA . GLU A 1 74  ? 12.249  -19.435 8.315   1.00 40.96 ? 74  GLU A CA 1 
ATOM 75  C CA . SER A 1 75  ? 11.368  -16.208 10.140  1.00 38.10 ? 75  SER A CA 1 
ATOM 76  C CA . GLY A 1 76  ? 10.972  -15.076 13.719  1.00 33.54 ? 76  GLY A CA 1 
ATOM 77  C CA . THR A 1 77  ? 7.209   -15.192 13.180  1.00 21.47 ? 77  THR A CA 1 
ATOM 78  C CA . ASP A 1 78  ? 7.412   -18.940 12.662  1.00 19.19 ? 78  ASP A CA 1 
ATOM 79  C CA . ARG A 1 79  ? 9.594   -19.172 15.760  1.00 10.51 ? 79  ARG A CA 1 
ATOM 80  C CA . LEU A 1 80  ? 7.012   -17.074 17.581  1.00 11.74 ? 80  LEU A CA 1 
ATOM 81  C CA . VAL A 1 81  ? 4.208   -19.459 16.591  1.00 9.78  ? 81  VAL A CA 1 
ATOM 82  C CA . GLU A 1 82  ? 6.145   -22.303 18.237  1.00 10.09 ? 82  GLU A CA 1 
ATOM 83  C CA . VAL A 1 83  ? 6.511   -20.316 21.481  1.00 8.04  ? 83  VAL A CA 1 
ATOM 84  C CA . MET A 1 84  ? 2.809   -19.426 21.304  1.00 10.01 ? 84  MET A CA 1 
ATOM 85  C CA . HIS A 1 85  ? 1.666   -23.019 21.774  1.00 13.11 ? 85  HIS A CA 1 
ATOM 86  C CA . LYS A 1 86  ? 3.914   -23.430 24.812  1.00 16.31 ? 86  LYS A CA 1 
ATOM 87  C CA . VAL A 1 87  ? 3.471   -19.952 26.356  1.00 14.84 ? 87  VAL A CA 1 
ATOM 88  C CA . GLU A 1 88  ? -0.040  -18.648 26.950  1.00 21.51 ? 88  GLU A CA 1 
ATOM 89  C CA . ALA A 1 89  ? -0.993  -15.029 26.328  1.00 8.27  ? 89  ALA A CA 1 
ATOM 90  C CA . ASP A 1 90  ? -3.500  -12.817 24.595  1.00 9.79  ? 90  ASP A CA 1 
ATOM 91  C CA . ILE A 1 91  ? -0.888  -10.444 23.169  1.00 3.56  ? 91  ILE A CA 1 
ATOM 92  C CA . TYR A 1 92  ? 2.608   -11.476 22.085  1.00 2.25  ? 92  TYR A CA 1 
ATOM 93  C CA . ILE A 1 93  ? 5.275   -8.834  21.536  1.00 4.65  ? 93  ILE A CA 1 
ATOM 94  C CA . ASN A 1 94  ? 8.159   -9.751  19.259  1.00 6.93  ? 94  ASN A CA 1 
ATOM 95  C CA . LEU A 1 95  ? 11.363  -7.869  20.050  1.00 12.34 ? 95  LEU A CA 1 
ATOM 96  C CA . GLN A 1 96  ? 14.580  -8.091  18.120  1.00 20.87 ? 96  GLN A CA 1 
ATOM 97  C CA . GLY A 1 97  ? 17.416  -9.571  20.163  1.00 18.00 ? 97  GLY A CA 1 
ATOM 98  C CA . ASP A 1 98  ? 19.892  -7.182  18.501  1.00 20.80 ? 98  ASP A CA 1 
ATOM 99  C CA . GLU A 1 99  ? 18.528  -3.773  19.520  1.00 26.15 ? 99  GLU A CA 1 
ATOM 100 C CA . PRO A 1 100 ? 19.955  -3.174  23.056  1.00 19.62 ? 100 PRO A CA 1 
ATOM 101 C CA . MET A 1 101 ? 18.960  0.481   22.871  1.00 27.93 ? 101 MET A CA 1 
ATOM 102 C CA . ILE A 1 102 ? 15.245  -0.245  22.691  1.00 18.68 ? 102 ILE A CA 1 
ATOM 103 C CA . ARG A 1 103 ? 13.170  2.186   24.764  1.00 13.82 ? 103 ARG A CA 1 
ATOM 104 C CA . PRO A 1 104 ? 10.649  0.492   27.096  1.00 12.39 ? 104 PRO A CA 1 
ATOM 105 C CA . ARG A 1 105 ? 8.173   3.306   26.511  1.00 17.91 ? 105 ARG A CA 1 
ATOM 106 C CA . ASP A 1 106 ? 7.988   2.583   22.783  1.00 11.37 ? 106 ASP A CA 1 
ATOM 107 C CA . VAL A 1 107 ? 6.930   -0.972  23.601  1.00 5.20  ? 107 VAL A CA 1 
ATOM 108 C CA . GLU A 1 108 ? 4.386   0.397   26.059  1.00 4.86  ? 108 GLU A CA 1 
ATOM 109 C CA . THR A 1 109 ? 3.003   2.665   23.314  1.00 13.04 ? 109 THR A CA 1 
ATOM 110 C CA . LEU A 1 110 ? 2.577   -0.449  21.165  1.00 11.42 ? 110 LEU A CA 1 
ATOM 111 C CA . LEU A 1 111 ? 0.894   -2.445  23.964  1.00 15.13 ? 111 LEU A CA 1 
ATOM 112 C CA . GLN A 1 112 ? -1.447  0.403   24.875  1.00 22.07 ? 112 GLN A CA 1 
ATOM 113 C CA . GLY A 1 113 ? -2.542  0.599   21.233  1.00 13.99 ? 113 GLY A CA 1 
ATOM 114 C CA . MET A 1 114 ? -3.475  -3.093  21.246  1.00 11.22 ? 114 MET A CA 1 
ATOM 115 C CA . ARG A 1 115 ? -5.311  -2.630  24.536  1.00 18.25 ? 115 ARG A CA 1 
ATOM 116 C CA . ASP A 1 116 ? -7.330  0.377   23.361  1.00 25.21 ? 116 ASP A CA 1 
ATOM 117 C CA . ASP A 1 117 ? -8.459  -1.516  20.264  1.00 18.27 ? 117 ASP A CA 1 
ATOM 118 C CA . PRO A 1 118 ? -9.460  -5.180  20.900  1.00 15.23 ? 118 PRO A CA 1 
ATOM 119 C CA . ALA A 1 119 ? -10.239 -5.513  17.205  1.00 14.94 ? 119 ALA A CA 1 
ATOM 120 C CA . LEU A 1 120 ? -6.670  -4.633  16.216  1.00 7.94  ? 120 LEU A CA 1 
ATOM 121 C CA . PRO A 1 121 ? -4.870  -7.892  15.293  1.00 3.33  ? 121 PRO A CA 1 
ATOM 122 C CA . VAL A 1 122 ? -1.321  -6.680  14.671  1.00 2.00  ? 122 VAL A CA 1 
ATOM 123 C CA . ALA A 1 123 ? 0.555   -3.488  15.467  1.00 3.54  ? 123 ALA A CA 1 
ATOM 124 C CA . THR A 1 124 ? 4.097   -2.204  14.824  1.00 2.00  ? 124 THR A CA 1 
ATOM 125 C CA . LEU A 1 125 ? 6.195   0.964   14.987  1.00 2.00  ? 125 LEU A CA 1 
ATOM 126 C CA . CYS A 1 126 ? 7.707   3.596   12.722  1.00 6.16  ? 126 CYS A CA 1 
ATOM 127 C CA . HIS A 1 127 ? 9.430   6.961   12.955  1.00 4.45  ? 127 HIS A CA 1 
ATOM 128 C CA . ALA A 1 128 ? 10.176  9.794   10.555  1.00 4.65  ? 128 ALA A CA 1 
ATOM 129 C CA . ILE A 1 129 ? 13.289  9.635   8.392   1.00 4.21  ? 129 ILE A CA 1 
ATOM 130 C CA . SER A 1 130 ? 14.741  11.928  5.720   1.00 10.34 ? 130 SER A CA 1 
ATOM 131 C CA . ALA A 1 131 ? 14.369  11.545  1.956   1.00 5.53  ? 131 ALA A CA 1 
ATOM 132 C CA . ALA A 1 132 ? 18.049  10.623  1.717   1.00 8.64  ? 132 ALA A CA 1 
ATOM 133 C CA . GLU A 1 133 ? 17.499  7.699   4.102   1.00 14.03 ? 133 GLU A CA 1 
ATOM 134 C CA . ALA A 1 134 ? 14.267  6.655   2.403   1.00 10.03 ? 134 ALA A CA 1 
ATOM 135 C CA . ALA A 1 135 ? 16.250  6.024   -0.785  1.00 12.50 ? 135 ALA A CA 1 
ATOM 136 C CA . GLU A 1 136 ? 18.011  3.023   0.766   1.00 17.27 ? 136 GLU A CA 1 
ATOM 137 C CA . PRO A 1 137 ? 16.502  -0.415  -0.039  1.00 9.18  ? 137 PRO A CA 1 
ATOM 138 C CA . SER A 1 138 ? 17.805  -1.690  3.291   1.00 15.43 ? 138 SER A CA 1 
ATOM 139 C CA . THR A 1 139 ? 15.424  0.742   5.016   1.00 10.27 ? 139 THR A CA 1 
ATOM 140 C CA . VAL A 1 140 ? 11.774  -0.270  5.015   1.00 2.02  ? 140 VAL A CA 1 
ATOM 141 C CA . LYS A 1 141 ? 9.269   2.514   4.377   1.00 3.17  ? 141 LYS A CA 1 
ATOM 142 C CA . VAL A 1 142 ? 5.611   2.496   5.440   1.00 2.00  ? 142 VAL A CA 1 
ATOM 143 C CA . VAL A 1 143 ? 2.718   4.610   4.208   1.00 2.00  ? 143 VAL A CA 1 
ATOM 144 C CA . VAL A 1 144 ? -0.334  4.810   6.483   1.00 3.29  ? 144 VAL A CA 1 
ATOM 145 C CA . ASN A 1 145 ? -3.892  6.149   6.373   1.00 4.96  ? 145 ASN A CA 1 
ATOM 146 C CA . THR A 1 146 ? -5.716  8.508   8.769   1.00 9.05  ? 146 THR A CA 1 
ATOM 147 C CA . ARG A 1 147 ? -6.187  5.708   11.321  1.00 10.40 ? 147 ARG A CA 1 
ATOM 148 C CA . GLN A 1 148 ? -2.454  4.961   11.101  1.00 10.72 ? 148 GLN A CA 1 
ATOM 149 C CA . ASP A 1 149 ? -3.206  1.646   9.439   1.00 5.15  ? 149 ASP A CA 1 
ATOM 150 C CA . ALA A 1 150 ? -0.438  0.629   7.085   1.00 2.00  ? 150 ALA A CA 1 
ATOM 151 C CA . LEU A 1 151 ? -1.272  0.890   3.374   1.00 2.00  ? 151 LEU A CA 1 
ATOM 152 C CA . TYR A 1 152 ? 1.880   -0.838  2.182   1.00 2.00  ? 152 TYR A CA 1 
ATOM 153 C CA . PHE A 1 153 ? 5.473   -1.657  3.213   1.00 5.51  ? 153 PHE A CA 1 
ATOM 154 C CA . SER A 1 154 ? 8.330   -1.330  0.724   1.00 4.82  ? 154 SER A CA 1 
ATOM 155 C CA . ARG A 1 155 ? 12.052  -0.968  0.062   1.00 2.00  ? 155 ARG A CA 1 
ATOM 156 C CA . SER A 1 156 ? 11.142  1.478   -2.737  1.00 4.31  ? 156 SER A CA 1 
ATOM 157 C CA . PRO A 1 157 ? 10.694  5.099   -1.632  1.00 4.65  ? 157 PRO A CA 1 
ATOM 158 C CA . ILE A 1 158 ? 7.031   5.579   -0.931  1.00 5.12  ? 158 ILE A CA 1 
ATOM 159 C CA . PRO A 1 159 ? 5.423   7.980   -1.301  1.00 7.18  ? 159 PRO A CA 1 
ATOM 160 C CA . TYR A 1 160 ? 7.110   8.639   -4.628  1.00 4.87  ? 160 TYR A CA 1 
ATOM 161 C CA . PRO A 1 161 ? 8.397   12.195  -4.564  1.00 5.01  ? 161 PRO A CA 1 
ATOM 162 C CA . ARG A 1 162 ? 6.543   13.720  -7.543  1.00 12.92 ? 162 ARG A CA 1 
ATOM 163 C CA . ASN A 1 163 ? 6.159   16.905  -5.523  1.00 9.52  ? 163 ASN A CA 1 
ATOM 164 C CA . ALA A 1 164 ? 9.262   16.277  -3.437  1.00 4.75  ? 164 ALA A CA 1 
ATOM 165 C CA . GLU A 1 165 ? 8.491   18.901  -0.799  1.00 13.83 ? 165 GLU A CA 1 
ATOM 166 C CA . LYS A 1 166 ? 5.155   17.273  0.117   1.00 10.80 ? 166 LYS A CA 1 
ATOM 167 C CA . ALA A 1 167 ? 6.758   13.845  0.650   1.00 6.13  ? 167 ALA A CA 1 
ATOM 168 C CA . ARG A 1 168 ? 7.165   12.633  4.254   1.00 11.32 ? 168 ARG A CA 1 
ATOM 169 C CA . TYR A 1 169 ? 8.851   9.292   4.917   1.00 5.76  ? 169 TYR A CA 1 
ATOM 170 C CA . LEU A 1 170 ? 8.381   6.785   7.731   1.00 3.90  ? 170 LEU A CA 1 
ATOM 171 C CA . LYS A 1 171 ? 10.819  4.012   8.598   1.00 2.34  ? 171 LYS A CA 1 
ATOM 172 C CA . HIS A 1 172 ? 9.350   0.785   9.878   1.00 6.33  ? 172 HIS A CA 1 
ATOM 173 C CA . VAL A 1 173 ? 10.729  -0.295  13.287  1.00 4.42  ? 173 VAL A CA 1 
ATOM 174 C CA . GLY A 1 174 ? 10.531  -4.107  13.399  1.00 2.30  ? 174 GLY A CA 1 
ATOM 175 C CA . ILE A 1 175 ? 8.766   -4.558  16.737  1.00 3.94  ? 175 ILE A CA 1 
ATOM 176 C CA . TYR A 1 176 ? 5.402   -6.286  16.489  1.00 2.00  ? 176 TYR A CA 1 
ATOM 177 C CA . ALA A 1 177 ? 2.516   -7.082  18.828  1.00 2.05  ? 177 ALA A CA 1 
ATOM 178 C CA . TYR A 1 178 ? 0.217   -9.923  17.725  1.00 2.11  ? 178 TYR A CA 1 
ATOM 179 C CA . ARG A 1 179 ? -3.175  -10.969 19.015  1.00 4.41  ? 179 ARG A CA 1 
ATOM 180 C CA . ARG A 1 180 ? -3.212  -14.705 19.956  1.00 7.08  ? 180 ARG A CA 1 
ATOM 181 C CA . ASP A 1 181 ? -5.561  -15.668 17.118  1.00 14.48 ? 181 ASP A CA 1 
ATOM 182 C CA . VAL A 1 182 ? -3.355  -14.181 14.346  1.00 3.20  ? 182 VAL A CA 1 
ATOM 183 C CA . LEU A 1 183 ? -0.563  -16.519 15.408  1.00 5.39  ? 183 LEU A CA 1 
ATOM 184 C CA . GLN A 1 184 ? -2.918  -19.507 15.547  1.00 14.35 ? 184 GLN A CA 1 
ATOM 185 C CA . ASN A 1 185 ? -3.886  -18.869 11.930  1.00 16.79 ? 185 ASN A CA 1 
ATOM 186 C CA . TYR A 1 186 ? -0.477  -17.843 10.617  1.00 12.29 ? 186 TYR A CA 1 
ATOM 187 C CA . SER A 1 187 ? 0.612   -21.291 9.474   1.00 17.48 ? 187 SER A CA 1 
ATOM 188 C CA . GLN A 1 188 ? -2.248  -21.493 6.986   1.00 17.48 ? 188 GLN A CA 1 
ATOM 189 C CA . LEU A 1 189 ? -1.468  -18.215 5.175   1.00 8.73  ? 189 LEU A CA 1 
ATOM 190 C CA . PRO A 1 190 ? 0.375   -18.715 1.872   1.00 2.38  ? 190 PRO A CA 1 
ATOM 191 C CA . GLU A 1 191 ? 3.465   -16.725 0.832   1.00 16.69 ? 191 GLU A CA 1 
ATOM 192 C CA . SER A 1 192 ? 2.559   -13.757 -1.378  1.00 10.64 ? 192 SER A CA 1 
ATOM 193 C CA . MET A 1 193 ? 4.263   -12.356 -4.473  1.00 4.48  ? 193 MET A CA 1 
ATOM 194 C CA . PRO A 1 194 ? 4.966   -8.935  -2.927  1.00 2.03  ? 194 PRO A CA 1 
ATOM 195 C CA . GLU A 1 195 ? 6.472   -10.713 0.082   1.00 3.76  ? 195 GLU A CA 1 
ATOM 196 C CA . GLN A 1 196 ? 8.747   -12.835 -2.090  1.00 6.86  ? 196 GLN A CA 1 
ATOM 197 C CA . ALA A 1 197 ? 9.688   -9.921  -4.366  1.00 2.56  ? 197 ALA A CA 1 
ATOM 198 C CA . GLU A 1 198 ? 10.370  -7.404  -1.593  1.00 4.50  ? 198 GLU A CA 1 
ATOM 199 C CA . SER A 1 199 ? 11.524  -10.046 0.882   1.00 8.38  ? 199 SER A CA 1 
ATOM 200 C CA . LEU A 1 200 ? 9.313   -8.600  3.649   1.00 2.75  ? 200 LEU A CA 1 
ATOM 201 C CA . GLU A 1 201 ? 7.536   -11.153 5.909   1.00 13.34 ? 201 GLU A CA 1 
ATOM 202 C CA . GLN A 1 202 ? 4.860   -8.662  7.089   1.00 4.80  ? 202 GLN A CA 1 
ATOM 203 C CA . LEU A 1 203 ? 3.397   -8.504  3.568   1.00 5.69  ? 203 LEU A CA 1 
ATOM 204 C CA . ARG A 1 204 ? 2.106   -12.048 4.067   1.00 4.54  ? 204 ARG A CA 1 
ATOM 205 C CA . LEU A 1 205 ? -0.299  -10.593 6.635   1.00 5.40  ? 205 LEU A CA 1 
ATOM 206 C CA . MET A 1 206 ? -1.435  -7.756  4.371   1.00 3.63  ? 206 MET A CA 1 
ATOM 207 C CA . ASN A 1 207 ? -2.034  -10.212 1.520   1.00 6.34  ? 207 ASN A CA 1 
ATOM 208 C CA . ALA A 1 208 ? -4.616  -11.921 3.710   1.00 2.90  ? 208 ALA A CA 1 
ATOM 209 C CA . GLY A 1 209 ? -6.303  -8.668  4.632   1.00 3.55  ? 209 GLY A CA 1 
ATOM 210 C CA . ILE A 1 210 ? -4.994  -8.663  8.203   1.00 5.91  ? 210 ILE A CA 1 
ATOM 211 C CA . ASN A 1 211 ? -4.761  -5.037  9.294   1.00 5.12  ? 211 ASN A CA 1 
ATOM 212 C CA . ILE A 1 212 ? -1.524  -3.746  10.805  1.00 4.65  ? 212 ILE A CA 1 
ATOM 213 C CA . ARG A 1 213 ? -1.555  -0.442  12.696  1.00 2.00  ? 213 ARG A CA 1 
ATOM 214 C CA . THR A 1 214 ? 1.687   1.501   12.749  1.00 6.19  ? 214 THR A CA 1 
ATOM 215 C CA . PHE A 1 215 ? 2.289   3.749   15.724  1.00 7.08  ? 215 PHE A CA 1 
ATOM 216 C CA . GLU A 1 216 ? 4.772   6.559   15.203  1.00 10.91 ? 216 GLU A CA 1 
ATOM 217 C CA . VAL A 1 217 ? 7.554   7.123   17.684  1.00 11.87 ? 217 VAL A CA 1 
ATOM 218 C CA . ALA A 1 218 ? 10.810  9.105   17.900  1.00 9.69  ? 218 ALA A CA 1 
ATOM 219 C CA . ALA A 1 219 ? 13.879  7.987   15.966  1.00 18.11 ? 219 ALA A CA 1 
ATOM 220 C CA . THR A 1 220 ? 15.251  4.803   17.526  1.00 31.92 ? 220 THR A CA 1 
ATOM 221 C CA . GLY A 1 221 ? 18.830  3.741   18.209  1.00 35.12 ? 221 GLY A CA 1 
ATOM 222 C CA . PRO A 1 222 ? 21.152  1.462   16.095  1.00 39.24 ? 222 PRO A CA 1 
ATOM 223 C CA . GLY A 1 223 ? 20.765  -2.293  15.632  1.00 43.36 ? 223 GLY A CA 1 
ATOM 224 C CA . VAL A 1 224 ? 23.858  -4.475  15.863  1.00 39.45 ? 224 VAL A CA 1 
ATOM 225 C CA . ASP A 1 225 ? 24.217  -6.611  12.716  1.00 44.03 ? 225 ASP A CA 1 
ATOM 226 C CA . THR A 1 226 ? 27.665  -5.587  11.565  1.00 41.38 ? 226 THR A CA 1 
ATOM 227 C CA . PRO A 1 227 ? 30.858  -5.252  13.724  1.00 40.36 ? 227 PRO A CA 1 
ATOM 228 C CA . ALA A 1 228 ? 30.815  -1.553  12.837  1.00 44.50 ? 228 ALA A CA 1 
ATOM 229 C CA . CYS A 1 229 ? 27.377  -1.101  14.419  1.00 46.82 ? 229 CYS A CA 1 
ATOM 230 C CA . LEU A 1 230 ? 28.585  -3.088  17.426  1.00 36.84 ? 230 LEU A CA 1 
ATOM 231 C CA . GLU A 1 231 ? 31.220  -0.415  18.094  1.00 36.27 ? 231 GLU A CA 1 
ATOM 232 C CA . LYS A 1 232 ? 28.556  2.273   17.592  1.00 38.16 ? 232 LYS A CA 1 
ATOM 233 C CA . VAL A 1 233 ? 26.154  0.889   20.202  1.00 30.31 ? 233 VAL A CA 1 
ATOM 234 C CA . ARG A 1 234 ? 29.016  0.244   22.672  1.00 27.82 ? 234 ARG A CA 1 
ATOM 235 C CA . ALA A 1 235 ? 30.053  3.902   22.877  1.00 26.42 ? 235 ALA A CA 1 
ATOM 236 C CA . LEU A 1 236 ? 26.469  5.242   23.071  1.00 27.23 ? 236 LEU A CA 1 
ATOM 237 C CA . MET A 1 237 ? 25.602  2.569   25.632  1.00 36.06 ? 237 MET A CA 1 
ATOM 238 C CA . ALA A 1 238 ? 28.639  3.717   27.651  1.00 35.96 ? 238 ALA A CA 1 
ATOM 239 C CA . GLN A 1 239 ? 27.802  7.428   27.259  1.00 35.97 ? 239 GLN A CA 1 
ATOM 240 C CA . GLU A 1 240 ? 24.315  6.544   28.438  1.00 45.56 ? 240 GLU A CA 1 
ATOM 241 C CA . LEU A 1 241 ? 25.692  5.779   31.920  1.00 46.29 ? 241 LEU A CA 1 
ATOM 242 C CA . SER B 1 1   ? -28.733 -1.087  -9.797  1.00 29.69 ? 1   SER B CA 1 
ATOM 243 C CA . LYS B 1 2   ? -28.892 1.796   -12.260 1.00 18.04 ? 2   LYS B CA 1 
ATOM 244 C CA . ALA B 1 3   ? -25.439 2.391   -13.735 1.00 7.41  ? 3   ALA B CA 1 
ATOM 245 C CA . VAL B 1 4   ? -24.509 5.477   -15.756 1.00 5.67  ? 4   VAL B CA 1 
ATOM 246 C CA . ILE B 1 5   ? -21.333 6.234   -17.705 1.00 2.00  ? 5   ILE B CA 1 
ATOM 247 C CA . VAL B 1 6   ? -19.845 9.724   -17.577 1.00 4.28  ? 6   VAL B CA 1 
ATOM 248 C CA . ILE B 1 7   ? -17.136 10.829  -19.986 1.00 5.81  ? 7   ILE B CA 1 
ATOM 249 C CA . PRO B 1 8   ? -15.392 13.989  -18.811 1.00 9.62  ? 8   PRO B CA 1 
ATOM 250 C CA . ALA B 1 9   ? -14.227 16.009  -21.807 1.00 22.29 ? 9   ALA B CA 1 
ATOM 251 C CA . ARG B 1 10  ? -12.553 19.316  -21.089 1.00 29.57 ? 10  ARG B CA 1 
ATOM 252 C CA . TYR B 1 11  ? -11.699 21.345  -24.185 1.00 23.00 ? 11  TYR B CA 1 
ATOM 253 C CA . GLY B 1 12  ? -8.358  22.624  -22.950 1.00 22.86 ? 12  GLY B CA 1 
ATOM 254 C CA . SER B 1 13  ? -5.057  20.741  -22.965 1.00 25.01 ? 13  SER B CA 1 
ATOM 255 C CA . SER B 1 14  ? -1.372  21.765  -22.848 1.00 33.86 ? 14  SER B CA 1 
ATOM 256 C CA . ARG B 1 15  ? -0.114  20.099  -26.072 1.00 35.66 ? 15  ARG B CA 1 
ATOM 257 C CA . LEU B 1 16  ? -3.314  19.056  -27.841 1.00 32.35 ? 16  LEU B CA 1 
ATOM 258 C CA . PRO B 1 17  ? -5.750  21.949  -27.223 1.00 18.08 ? 17  PRO B CA 1 
ATOM 259 C CA . GLY B 1 18  ? -9.331  21.060  -28.142 1.00 14.72 ? 18  GLY B CA 1 
ATOM 260 C CA . LYS B 1 19  ? -8.321  17.376  -27.795 1.00 21.00 ? 19  LYS B CA 1 
ATOM 261 C CA . PRO B 1 20  ? -11.819 15.838  -27.554 1.00 15.46 ? 20  PRO B CA 1 
ATOM 262 C CA . LEU B 1 21  ? -12.546 17.227  -31.019 1.00 16.59 ? 21  LEU B CA 1 
ATOM 263 C CA . LEU B 1 22  ? -9.423  15.851  -32.684 1.00 22.07 ? 22  LEU B CA 1 
ATOM 264 C CA . ASP B 1 23  ? -10.405 13.816  -35.718 1.00 18.38 ? 23  ASP B CA 1 
ATOM 265 C CA . ILE B 1 24  ? -9.526  10.128  -35.626 1.00 20.09 ? 24  ILE B CA 1 
ATOM 266 C CA . VAL B 1 25  ? -10.370 8.286   -38.824 1.00 19.54 ? 25  VAL B CA 1 
ATOM 267 C CA . GLY B 1 26  ? -13.216 10.650  -39.674 1.00 10.04 ? 26  GLY B CA 1 
ATOM 268 C CA . LYS B 1 27  ? -14.760 11.210  -36.253 1.00 12.45 ? 27  LYS B CA 1 
ATOM 269 C CA . PRO B 1 28  ? -13.870 13.389  -33.297 1.00 9.99  ? 28  PRO B CA 1 
ATOM 270 C CA . MET B 1 29  ? -12.118 11.512  -30.487 1.00 11.86 ? 29  MET B CA 1 
ATOM 271 C CA . ILE B 1 30  ? -15.075 12.006  -28.117 1.00 6.95  ? 30  ILE B CA 1 
ATOM 272 C CA . GLN B 1 31  ? -17.467 10.290  -30.515 1.00 8.34  ? 31  GLN B CA 1 
ATOM 273 C CA . HIS B 1 32  ? -15.302 7.187   -30.560 1.00 9.86  ? 32  HIS B CA 1 
ATOM 274 C CA . VAL B 1 33  ? -15.355 7.033   -26.775 1.00 8.57  ? 33  VAL B CA 1 
ATOM 275 C CA . TYR B 1 34  ? -19.094 7.733   -26.708 1.00 10.17 ? 34  TYR B CA 1 
ATOM 276 C CA . GLU B 1 35  ? -19.938 5.004   -29.192 1.00 7.71  ? 35  GLU B CA 1 
ATOM 277 C CA . ARG B 1 36  ? -17.922 2.369   -27.389 1.00 10.80 ? 36  ARG B CA 1 
ATOM 278 C CA . ALA B 1 37  ? -19.504 3.405   -24.092 1.00 7.31  ? 37  ALA B CA 1 
ATOM 279 C CA . LEU B 1 38  ? -22.841 2.697   -25.789 1.00 12.69 ? 38  LEU B CA 1 
ATOM 280 C CA . GLN B 1 39  ? -21.879 -0.955  -26.320 1.00 11.13 ? 39  GLN B CA 1 
ATOM 281 C CA . VAL B 1 40  ? -21.560 -1.577  -22.570 1.00 6.16  ? 40  VAL B CA 1 
ATOM 282 C CA . ALA B 1 41  ? -24.435 -3.773  -21.447 1.00 2.00  ? 41  ALA B CA 1 
ATOM 283 C CA . GLY B 1 42  ? -25.918 -2.911  -18.078 1.00 9.30  ? 42  GLY B CA 1 
ATOM 284 C CA . VAL B 1 43  ? -25.555 0.858   -18.468 1.00 9.27  ? 43  VAL B CA 1 
ATOM 285 C CA . ALA B 1 44  ? -28.680 3.004   -18.501 1.00 6.81  ? 44  ALA B CA 1 
ATOM 286 C CA . GLU B 1 45  ? -27.151 6.297   -19.752 1.00 7.31  ? 45  GLU B CA 1 
ATOM 287 C CA . VAL B 1 46  ? -23.924 7.704   -21.203 1.00 2.39  ? 46  VAL B CA 1 
ATOM 288 C CA . TRP B 1 47  ? -23.093 11.364  -20.700 1.00 2.29  ? 47  TRP B CA 1 
ATOM 289 C CA . VAL B 1 48  ? -20.226 13.599  -21.622 1.00 7.71  ? 48  VAL B CA 1 
ATOM 290 C CA . ALA B 1 49  ? -19.382 16.112  -18.899 1.00 4.65  ? 49  ALA B CA 1 
ATOM 291 C CA . THR B 1 50  ? -17.820 19.210  -20.477 1.00 16.77 ? 50  THR B CA 1 
ATOM 292 C CA . ASP B 1 51  ? -16.783 22.717  -19.507 1.00 26.89 ? 51  ASP B CA 1 
ATOM 293 C CA . ASP B 1 52  ? -16.788 24.065  -23.072 1.00 24.92 ? 52  ASP B CA 1 
ATOM 294 C CA . PRO B 1 53  ? -19.767 24.814  -25.409 1.00 23.41 ? 53  PRO B CA 1 
ATOM 295 C CA . ARG B 1 54  ? -17.951 23.637  -28.540 1.00 19.89 ? 54  ARG B CA 1 
ATOM 296 C CA . VAL B 1 55  ? -17.562 20.151  -27.086 1.00 16.15 ? 55  VAL B CA 1 
ATOM 297 C CA . GLU B 1 56  ? -21.198 20.249  -26.009 1.00 12.76 ? 56  GLU B CA 1 
ATOM 298 C CA . GLN B 1 57  ? -22.549 21.220  -29.477 1.00 18.49 ? 57  GLN B CA 1 
ATOM 299 C CA . ALA B 1 58  ? -20.219 18.649  -31.064 1.00 13.48 ? 58  ALA B CA 1 
ATOM 300 C CA . VAL B 1 59  ? -21.607 15.895  -28.852 1.00 12.25 ? 59  VAL B CA 1 
ATOM 301 C CA . GLN B 1 60  ? -25.176 16.989  -29.519 1.00 21.53 ? 60  GLN B CA 1 
ATOM 302 C CA . ALA B 1 61  ? -24.423 16.887  -33.280 1.00 15.30 ? 61  ALA B CA 1 
ATOM 303 C CA . PHE B 1 62  ? -23.858 13.150  -33.527 1.00 9.61  ? 62  PHE B CA 1 
ATOM 304 C CA . GLY B 1 63  ? -26.715 12.577  -31.088 1.00 16.49 ? 63  GLY B CA 1 
ATOM 305 C CA . GLY B 1 64  ? -24.985 12.316  -27.716 1.00 17.54 ? 64  GLY B CA 1 
ATOM 306 C CA . LYS B 1 65  ? -25.951 13.539  -24.282 1.00 9.80  ? 65  LYS B CA 1 
ATOM 307 C CA . ALA B 1 66  ? -23.789 16.317  -22.888 1.00 6.51  ? 66  ALA B CA 1 
ATOM 308 C CA . ILE B 1 67  ? -23.863 18.109  -19.555 1.00 12.67 ? 67  ILE B CA 1 
ATOM 309 C CA . MET B 1 68  ? -22.102 21.411  -18.834 1.00 19.45 ? 68  MET B CA 1 
ATOM 310 C CA . THR B 1 69  ? -19.982 21.659  -15.746 1.00 18.85 ? 69  THR B CA 1 
ATOM 311 C CA . ARG B 1 70  ? -17.845 24.248  -13.959 1.00 24.36 ? 70  ARG B CA 1 
ATOM 312 C CA . ASN B 1 71  ? -14.458 24.895  -15.546 1.00 35.43 ? 71  ASN B CA 1 
ATOM 313 C CA . ASP B 1 72  ? -12.820 25.533  -12.171 1.00 37.13 ? 72  ASP B CA 1 
ATOM 314 C CA . HIS B 1 73  ? -12.612 21.853  -11.268 1.00 30.21 ? 73  HIS B CA 1 
ATOM 315 C CA . GLU B 1 74  ? -9.474  20.259  -9.874  1.00 40.94 ? 74  GLU B CA 1 
ATOM 316 C CA . SER B 1 75  ? -9.929  16.634  -10.970 1.00 38.01 ? 75  SER B CA 1 
ATOM 317 C CA . GLY B 1 76  ? -12.470 14.653  -12.944 1.00 33.39 ? 76  GLY B CA 1 
ATOM 318 C CA . THR B 1 77  ? -13.699 13.242  -9.639  1.00 21.69 ? 77  THR B CA 1 
ATOM 319 C CA . ASP B 1 78  ? -14.800 16.739  -8.651  1.00 19.44 ? 78  ASP B CA 1 
ATOM 320 C CA . ARG B 1 79  ? -16.428 17.142  -12.035 1.00 10.31 ? 79  ARG B CA 1 
ATOM 321 C CA . LEU B 1 80  ? -18.093 13.783  -11.516 1.00 11.74 ? 80  LEU B CA 1 
ATOM 322 C CA . VAL B 1 81  ? -19.533 14.925  -8.184  1.00 9.86  ? 81  VAL B CA 1 
ATOM 323 C CA . GLU B 1 82  ? -21.219 17.828  -9.983  1.00 9.68  ? 82  GLU B CA 1 
ATOM 324 C CA . VAL B 1 83  ? -22.812 15.484  -12.532 1.00 7.89  ? 83  VAL B CA 1 
ATOM 325 C CA . MET B 1 84  ? -23.930 13.196  -9.684  1.00 9.73  ? 84  MET B CA 1 
ATOM 326 C CA . HIS B 1 85  ? -26.257 15.892  -8.333  1.00 6.67  ? 85  HIS B CA 1 
ATOM 327 C CA . LYS B 1 86  ? -27.916 16.297  -11.713 1.00 12.46 ? 86  LYS B CA 1 
ATOM 328 C CA . VAL B 1 87  ? -27.878 12.690  -12.907 1.00 15.10 ? 87  VAL B CA 1 
ATOM 329 C CA . GLU B 1 88  ? -29.227 10.110  -10.417 1.00 17.10 ? 88  GLU B CA 1 
ATOM 330 C CA . ALA B 1 89  ? -27.650 6.633   -10.444 1.00 8.51  ? 89  ALA B CA 1 
ATOM 331 C CA . ASP B 1 90  ? -26.394 3.989   -8.026  1.00 9.53  ? 90  ASP B CA 1 
ATOM 332 C CA . ILE B 1 91  ? -23.125 3.333   -9.849  1.00 3.72  ? 91  ILE B CA 1 
ATOM 333 C CA . TYR B 1 92  ? -21.222 5.996   -11.811 1.00 2.00  ? 92  TYR B CA 1 
ATOM 334 C CA . ILE B 1 93  ? -18.521 4.909   -14.233 1.00 4.26  ? 93  ILE B CA 1 
ATOM 335 C CA . ASN B 1 94  ? -15.846 7.472   -15.045 1.00 7.28  ? 94  ASN B CA 1 
ATOM 336 C CA . LEU B 1 95  ? -14.252 7.019   -18.460 1.00 12.44 ? 95  LEU B CA 1 
ATOM 337 C CA . GLN B 1 96  ? -11.404 9.045   -19.890 1.00 21.16 ? 96  GLN B CA 1 
ATOM 338 C CA . GLY B 1 97  ? -12.410 11.138  -22.883 1.00 17.81 ? 97  GLY B CA 1 
ATOM 339 C CA . ASP B 1 98  ? -9.023  10.417  -24.482 1.00 20.57 ? 98  ASP B CA 1 
ATOM 340 C CA . GLU B 1 99  ? -8.988  6.633   -24.787 1.00 26.37 ? 99  GLU B CA 1 
ATOM 341 C CA . PRO B 1 100 ? -10.886 5.885   -28.055 1.00 19.39 ? 100 PRO B CA 1 
ATOM 342 C CA . MET B 1 101 ? -9.587  2.321   -28.016 1.00 27.40 ? 101 MET B CA 1 
ATOM 343 C CA . ILE B 1 102 ? -11.410 1.395   -24.826 1.00 18.61 ? 102 ILE B CA 1 
ATOM 344 C CA . ARG B 1 103 ? -12.907 -2.098  -24.938 1.00 13.94 ? 103 ARG B CA 1 
ATOM 345 C CA . PRO B 1 104 ? -16.563 -2.288  -23.827 1.00 12.52 ? 104 PRO B CA 1 
ATOM 346 C CA . ARG B 1 105 ? -15.909 -5.705  -22.236 1.00 13.01 ? 105 ARG B CA 1 
ATOM 347 C CA . ASP B 1 106 ? -13.439 -4.188  -19.789 1.00 11.25 ? 106 ASP B CA 1 
ATOM 348 C CA . VAL B 1 107 ? -16.069 -1.754  -18.564 1.00 5.24  ? 107 VAL B CA 1 
ATOM 349 C CA . GLU B 1 108 ? -18.513 -4.676  -18.233 1.00 8.92  ? 108 GLU B CA 1 
ATOM 350 C CA . THR B 1 109 ? -15.931 -6.529  -16.135 1.00 12.84 ? 109 THR B CA 1 
ATOM 351 C CA . LEU B 1 110 ? -15.783 -3.465  -13.885 1.00 11.38 ? 110 LEU B CA 1 
ATOM 352 C CA . LEU B 1 111 ? -19.576 -3.090  -13.632 1.00 15.21 ? 111 LEU B CA 1 
ATOM 353 C CA . GLN B 1 112 ? -20.044 -6.799  -12.899 1.00 15.79 ? 112 GLN B CA 1 
ATOM 354 C CA . GLY B 1 113 ? -17.571 -6.526  -10.058 1.00 13.93 ? 113 GLY B CA 1 
ATOM 355 C CA . MET B 1 114 ? -19.657 -3.741  -8.531  1.00 11.13 ? 114 MET B CA 1 
ATOM 356 C CA . ARG B 1 115 ? -22.859 -5.693  -9.004  1.00 18.19 ? 115 ARG B CA 1 
ATOM 357 C CA . ASP B 1 116 ? -21.398 -8.883  -7.539  1.00 14.09 ? 116 ASP B CA 1 
ATOM 358 C CA . ASP B 1 117 ? -20.359 -6.990  -4.386  1.00 18.06 ? 117 ASP B CA 1 
ATOM 359 C CA . PRO B 1 118 ? -22.866 -4.398  -3.070  1.00 14.99 ? 118 PRO B CA 1 
ATOM 360 C CA . ALA B 1 119 ? -20.415 -3.540  -0.288  1.00 14.95 ? 119 ALA B CA 1 
ATOM 361 C CA . LEU B 1 120 ? -17.711 -2.541  -2.780  1.00 7.83  ? 120 LEU B CA 1 
ATOM 362 C CA . PRO B 1 121 ? -17.578 1.281   -2.900  1.00 3.72  ? 121 PRO B CA 1 
ATOM 363 C CA . VAL B 1 122 ? -14.997 1.851   -5.655  1.00 2.00  ? 122 VAL B CA 1 
ATOM 364 C CA . ALA B 1 123 ? -13.436 -0.358  -8.329  1.00 4.11  ? 123 ALA B CA 1 
ATOM 365 C CA . THR B 1 124 ? -10.868 0.216   -11.082 1.00 2.00  ? 124 THR B CA 1 
ATOM 366 C CA . LEU B 1 125 ? -8.727  -1.691  -13.609 1.00 2.00  ? 125 LEU B CA 1 
ATOM 367 C CA . CYS B 1 126 ? -5.151  -2.826  -14.152 1.00 5.54  ? 126 CYS B CA 1 
ATOM 368 C CA . HIS B 1 127 ? -3.140  -5.112  -16.424 1.00 4.45  ? 127 HIS B CA 1 
ATOM 369 C CA . ALA B 1 128 ? 0.335   -6.615  -16.260 1.00 5.34  ? 128 ALA B CA 1 
ATOM 370 C CA . ILE B 1 129 ? 3.457   -4.797  -17.388 1.00 7.87  ? 129 ILE B CA 1 
ATOM 371 C CA . SER B 1 130 ? 7.135   -5.693  -17.596 1.00 7.34  ? 130 SER B CA 1 
ATOM 372 C CA . ALA B 1 131 ? 9.623   -4.648  -14.963 1.00 8.05  ? 131 ALA B CA 1 
ATOM 373 C CA . ALA B 1 132 ? 10.986  -2.260  -17.633 1.00 9.86  ? 132 ALA B CA 1 
ATOM 374 C CA . GLU B 1 133 ? 7.754   -0.291  -17.987 1.00 14.13 ? 133 GLU B CA 1 
ATOM 375 C CA . ALA B 1 134 ? 7.264   -0.336  -14.205 1.00 10.33 ? 134 ALA B CA 1 
ATOM 376 C CA . ALA B 1 135 ? 10.393  1.794   -13.818 1.00 12.46 ? 135 ALA B CA 1 
ATOM 377 C CA . GLU B 1 136 ? 8.632   4.779   -15.402 1.00 17.67 ? 136 GLU B CA 1 
ATOM 378 C CA . PRO B 1 137 ? 7.117   7.327   -12.942 1.00 9.48  ? 137 PRO B CA 1 
ATOM 379 C CA . SER B 1 138 ? 4.529   8.200   -15.592 1.00 15.53 ? 138 SER B CA 1 
ATOM 380 C CA . THR B 1 139 ? 3.151   4.676   -15.252 1.00 10.18 ? 139 THR B CA 1 
ATOM 381 C CA . VAL B 1 140 ? 1.124   4.090   -12.086 1.00 2.00  ? 140 VAL B CA 1 
ATOM 382 C CA . LYS B 1 141 ? 1.739   0.733   -10.369 1.00 3.35  ? 141 LYS B CA 1 
ATOM 383 C CA . VAL B 1 142 ? -0.756  -1.101  -8.130  1.00 2.40  ? 142 VAL B CA 1 
ATOM 384 C CA . VAL B 1 143 ? -0.147  -3.875  -5.612  1.00 2.00  ? 143 VAL B CA 1 
ATOM 385 C CA . VAL B 1 144 ? -3.208  -5.871  -4.530  1.00 2.66  ? 144 VAL B CA 1 
ATOM 386 C CA . ASN B 1 145 ? -4.138  -8.518  -1.947  1.00 5.01  ? 145 ASN B CA 1 
ATOM 387 C CA . THR B 1 146 ? -5.827  -11.919 -2.437  1.00 9.28  ? 146 THR B CA 1 
ATOM 388 C CA . ARG B 1 147 ? -9.238  -10.295 -2.851  1.00 10.25 ? 147 ARG B CA 1 
ATOM 389 C CA . GLN B 1 148 ? -7.731  -7.946  -5.471  1.00 10.61 ? 148 GLN B CA 1 
ATOM 390 C CA . ASP B 1 149 ? -8.147  -5.001  -3.133  1.00 5.11  ? 149 ASP B CA 1 
ATOM 391 C CA . ALA B 1 150 ? -5.521  -2.343  -3.774  1.00 2.29  ? 150 ALA B CA 1 
ATOM 392 C CA . LEU B 1 151 ? -2.831  -2.112  -1.090  1.00 2.02  ? 151 LEU B CA 1 
ATOM 393 C CA . TYR B 1 152 ? -1.223  1.035   -2.498  1.00 2.00  ? 152 TYR B CA 1 
ATOM 394 C CA . PHE B 1 153 ? -0.800  2.998   -5.769  1.00 5.21  ? 153 PHE B CA 1 
ATOM 395 C CA . SER B 1 154 ? 2.564   4.500   -6.662  1.00 5.61  ? 154 SER B CA 1 
ATOM 396 C CA . ARG B 1 155 ? 4.825   5.878   -9.389  1.00 2.00  ? 155 ARG B CA 1 
ATOM 397 C CA . SER B 1 156 ? 7.662   3.997   -7.651  1.00 4.08  ? 156 SER B CA 1 
ATOM 398 C CA . PRO B 1 157 ? 8.225   0.423   -8.769  1.00 4.19  ? 157 PRO B CA 1 
ATOM 399 C CA . ILE B 1 158 ? 6.221   -1.706  -6.365  1.00 5.08  ? 158 ILE B CA 1 
ATOM 400 C CA . PRO B 1 159 ? 6.849   -4.390  -5.433  1.00 7.30  ? 159 PRO B CA 1 
ATOM 401 C CA . TYR B 1 160 ? 10.520  -3.581  -5.051  1.00 4.69  ? 160 TYR B CA 1 
ATOM 402 C CA . PRO B 1 161 ? 12.441  -6.293  -6.962  1.00 2.62  ? 161 PRO B CA 1 
ATOM 403 C CA . ARG B 1 162 ? 14.709  -7.552  -4.169  1.00 12.80 ? 162 ARG B CA 1 
ATOM 404 C CA . ASN B 1 163 ? 14.220  -10.963 -5.780  1.00 9.68  ? 163 ASN B CA 1 
ATOM 405 C CA . ALA B 1 164 ? 13.637  -9.978  -9.379  1.00 2.85  ? 164 ALA B CA 1 
ATOM 406 C CA . GLU B 1 165 ? 12.347  -13.312 -10.632 1.00 11.79 ? 165 GLU B CA 1 
ATOM 407 C CA . LYS B 1 166 ? 9.457   -13.030 -8.175  1.00 11.12 ? 166 LYS B CA 1 
ATOM 408 C CA . ALA B 1 167 ? 8.229   -9.519  -8.895  1.00 5.47  ? 167 ALA B CA 1 
ATOM 409 C CA . ARG B 1 168 ? 5.134   -9.043  -11.028 1.00 11.58 ? 168 ARG B CA 1 
ATOM 410 C CA . TYR B 1 169 ? 3.917   -5.561  -11.978 1.00 5.43  ? 169 TYR B CA 1 
ATOM 411 C CA . LEU B 1 170 ? 0.449   -4.192  -12.608 1.00 3.87  ? 170 LEU B CA 1 
ATOM 412 C CA . LYS B 1 171 ? -0.381  -0.936  -14.355 1.00 2.00  ? 171 LYS B CA 1 
ATOM 413 C CA . HIS B 1 172 ? -3.395  0.963   -13.188 1.00 6.14  ? 172 HIS B CA 1 
ATOM 414 C CA . VAL B 1 173 ? -5.914  1.729   -15.965 1.00 3.98  ? 173 VAL B CA 1 
ATOM 415 C CA . GLY B 1 174 ? -7.715  4.908   -14.923 1.00 4.54  ? 174 GLY B CA 1 
ATOM 416 C CA . ILE B 1 175 ? -11.325 3.825   -15.322 1.00 3.95  ? 175 ILE B CA 1 
ATOM 417 C CA . TYR B 1 176 ? -13.321 3.947   -12.093 1.00 2.00  ? 176 TYR B CA 1 
ATOM 418 C CA . ALA B 1 177 ? -16.748 2.859   -10.891 1.00 2.00  ? 177 ALA B CA 1 
ATOM 419 C CA . TYR B 1 178 ? -18.114 4.622   -7.803  1.00 2.00  ? 178 TYR B CA 1 
ATOM 420 C CA . ARG B 1 179 ? -21.099 3.787   -5.625  1.00 4.53  ? 179 ARG B CA 1 
ATOM 421 C CA . ARG B 1 180 ? -23.266 6.898   -5.236  1.00 3.75  ? 180 ARG B CA 1 
ATOM 422 C CA . ASP B 1 181 ? -22.520 7.320   -1.485  1.00 11.76 ? 181 ASP B CA 1 
ATOM 423 C CA . VAL B 1 182 ? -18.793 7.645   -2.107  1.00 2.82  ? 182 VAL B CA 1 
ATOM 424 C CA . LEU B 1 183 ? -19.399 10.639  -4.380  1.00 5.68  ? 183 LEU B CA 1 
ATOM 425 C CA . GLN B 1 184 ? -21.812 12.227  -1.935  1.00 2.00  ? 184 GLN B CA 1 
ATOM 426 C CA . ASN B 1 185 ? -19.116 12.264  0.756   1.00 10.59 ? 185 ASN B CA 1 
ATOM 427 C CA . TYR B 1 186 ? -16.166 12.992  -1.484  1.00 12.58 ? 186 TYR B CA 1 
ATOM 428 C CA . SER B 1 187 ? -16.231 16.736  -0.856  1.00 17.53 ? 187 SER B CA 1 
ATOM 429 C CA . GLN B 1 188 ? -15.646 16.010  2.841   1.00 16.67 ? 188 GLN B CA 1 
ATOM 430 C CA . LEU B 1 189 ? -12.454 14.021  2.220   1.00 10.11 ? 189 LEU B CA 1 
ATOM 431 C CA . PRO B 1 190 ? -9.216  15.938  3.013   1.00 10.91 ? 190 PRO B CA 1 
ATOM 432 C CA . GLU B 1 191 ? -6.191  15.911  0.679   1.00 16.68 ? 191 GLU B CA 1 
ATOM 433 C CA . SER B 1 192 ? -3.563  13.478  1.929   1.00 10.54 ? 192 SER B CA 1 
ATOM 434 C CA . MET B 1 193 ? 0.208   13.659  2.012   1.00 4.95  ? 193 MET B CA 1 
ATOM 435 C CA . PRO B 1 194 ? 0.747   10.601  -0.221  1.00 2.00  ? 194 PRO B CA 1 
ATOM 436 C CA . GLU B 1 195 ? -1.752  12.099  -2.678  1.00 3.50  ? 195 GLU B CA 1 
ATOM 437 C CA . GLN B 1 196 ? 0.107   15.426  -2.760  1.00 6.55  ? 196 GLN B CA 1 
ATOM 438 C CA . ALA B 1 197 ? 3.554   13.792  -2.933  1.00 2.58  ? 197 ALA B CA 1 
ATOM 439 C CA . GLU B 1 198 ? 2.675   11.201  -5.594  1.00 4.46  ? 198 GLU B CA 1 
ATOM 440 C CA . SER B 1 199 ? 0.129   13.415  -7.333  1.00 9.07  ? 199 SER B CA 1 
ATOM 441 C CA . LEU B 1 200 ? -2.452  10.613  -7.470  1.00 3.33  ? 200 LEU B CA 1 
ATOM 442 C CA . GLU B 1 201 ? -6.073  11.569  -6.696  1.00 13.63 ? 201 GLU B CA 1 
ATOM 443 C CA . GLN B 1 202 ? -7.108  7.965   -5.832  1.00 5.65  ? 202 GLN B CA 1 
ATOM 444 C CA . LEU B 1 203 ? -4.909  8.085   -2.741  1.00 6.02  ? 203 LEU B CA 1 
ATOM 445 C CA . ARG B 1 204 ? -7.369  10.484  -1.156  1.00 4.46  ? 204 ARG B CA 1 
ATOM 446 C CA . LEU B 1 205 ? -9.853  7.593   -1.057  1.00 5.57  ? 205 LEU B CA 1 
ATOM 447 C CA . MET B 1 206 ? -7.383  5.123   0.451   1.00 3.81  ? 206 MET B CA 1 
ATOM 448 C CA . ASN B 1 207 ? -6.243  7.585   3.068   1.00 5.22  ? 207 ASN B CA 1 
ATOM 449 C CA . ALA B 1 208 ? -9.813  7.659   4.307   1.00 4.73  ? 208 ALA B CA 1 
ATOM 450 C CA . GLY B 1 209 ? -10.035 3.871   4.341   1.00 8.50  ? 209 GLY B CA 1 
ATOM 451 C CA . ILE B 1 210 ? -12.313 3.576   1.327   1.00 6.03  ? 210 ILE B CA 1 
ATOM 452 C CA . ASN B 1 211 ? -11.570 0.245   -0.310  1.00 5.24  ? 211 ASN B CA 1 
ATOM 453 C CA . ILE B 1 212 ? -10.744 0.087   -4.027  1.00 5.01  ? 212 ILE B CA 1 
ATOM 454 C CA . ARG B 1 213 ? -10.871 -3.266  -5.814  1.00 2.00  ? 213 ARG B CA 1 
ATOM 455 C CA . THR B 1 214 ? -8.673  -3.598  -8.895  1.00 6.13  ? 214 THR B CA 1 
ATOM 456 C CA . PHE B 1 215 ? -9.848  -6.008  -11.590 1.00 6.54  ? 215 PHE B CA 1 
ATOM 457 C CA . GLU B 1 216 ? -7.128  -7.240  -13.916 1.00 10.72 ? 216 GLU B CA 1 
ATOM 458 C CA . VAL B 1 217 ? -7.655  -7.101  -17.656 1.00 12.13 ? 217 VAL B CA 1 
ATOM 459 C CA . ALA B 1 218 ? -5.565  -7.530  -20.819 1.00 9.41  ? 218 ALA B CA 1 
ATOM 460 C CA . ALA B 1 219 ? -3.111  -4.804  -21.897 1.00 20.21 ? 219 ALA B CA 1 
ATOM 461 C CA . THR B 1 220 ? -5.130  -1.793  -23.064 1.00 31.95 ? 220 THR B CA 1 
ATOM 462 C CA . GLY B 1 221 ? -4.632  0.501   -26.054 1.00 35.20 ? 221 GLY B CA 1 
ATOM 463 C CA . PRO B 1 222 ? -2.861  3.947   -26.146 1.00 39.19 ? 222 PRO B CA 1 
ATOM 464 C CA . GLY B 1 223 ? -4.279  7.174   -24.701 1.00 43.25 ? 223 GLY B CA 1 
ATOM 465 C CA . VAL B 1 224 ? -4.070  10.354  -26.782 1.00 39.23 ? 224 VAL B CA 1 
ATOM 466 C CA . ASP B 1 225 ? -2.298  13.092  -24.822 1.00 44.06 ? 225 ASP B CA 1 
ATOM 467 C CA . THR B 1 226 ? 0.565   13.972  -27.137 1.00 41.74 ? 226 THR B CA 1 
ATOM 468 C CA . PRO B 1 227 ? 0.428   14.500  -30.958 1.00 40.53 ? 227 PRO B CA 1 
ATOM 469 C CA . ALA B 1 228 ? 2.679   11.452  -31.305 1.00 44.31 ? 228 ALA B CA 1 
ATOM 470 C CA . CYS B 1 229 ? 0.100   9.227   -29.596 1.00 46.54 ? 229 CYS B CA 1 
ATOM 471 C CA . LEU B 1 230 ? -2.617  10.768  -31.751 1.00 36.51 ? 230 LEU B CA 1 
ATOM 472 C CA . GLU B 1 231 ? -0.852  9.425   -34.840 1.00 36.14 ? 231 GLU B CA 1 
ATOM 473 C CA . LYS B 1 232 ? -0.476  6.063   -33.077 1.00 38.21 ? 232 LYS B CA 1 
ATOM 474 C CA . VAL B 1 233 ? -4.182  5.675   -32.339 1.00 30.06 ? 233 VAL B CA 1 
ATOM 475 C CA . ARG B 1 234 ? -5.134  6.860   -35.831 1.00 27.70 ? 234 ARG B CA 1 
ATOM 476 C CA . ALA B 1 235 ? -3.094  4.095   -37.425 1.00 28.75 ? 235 ALA B CA 1 
ATOM 477 C CA . LEU B 1 236 ? -4.400  1.445   -35.036 1.00 27.50 ? 236 LEU B CA 1 
ATOM 478 C CA . MET B 1 237 ? -7.981  2.667   -35.338 1.00 36.02 ? 237 MET B CA 1 
ATOM 479 C CA . ALA B 1 238 ? -7.509  2.523   -39.112 1.00 36.88 ? 238 ALA B CA 1 
ATOM 480 C CA . GLN B 1 239 ? -6.157  -1.027  -39.067 1.00 35.28 ? 239 GLN B CA 1 
ATOM 481 C CA . GLU B 1 240 ? -9.003  -2.077  -36.767 1.00 45.38 ? 240 GLU B CA 1 
ATOM 482 C CA . LEU B 1 241 ? -11.240 -1.427  -39.768 1.00 44.59 ? 241 LEU B CA 1 
# 
